data_7Y1W
#
_entry.id   7Y1W
#
_cell.length_a   71.556
_cell.length_b   92.147
_cell.length_c   86.728
_cell.angle_alpha   90.000
_cell.angle_beta   108.770
_cell.angle_gamma   90.000
#
_symmetry.space_group_name_H-M   'P 1 21 1'
#
loop_
_entity.id
_entity.type
_entity.pdbx_description
1 polymer 'Bifunctional glutamate/proline--tRNA ligase'
2 non-polymer 'ZINC ION'
3 non-polymer (2R,3S)-2-[3-[4,5-bis(chloranyl)benzimidazol-1-yl]propyl]piperidin-3-ol
4 non-polymer "ADENOSINE-5'-TRIPHOSPHATE"
5 non-polymer 'MAGNESIUM ION'
6 water water
#
_entity_poly.entity_id   1
_entity_poly.type   'polypeptide(L)'
_entity_poly.pdbx_seq_one_letter_code
;GLEAKKEENLADWYSQVITKSEMIEYHDISGCYILRPWAYAIWEAIKDFFDAEIKKLGVENCYFPMFVSQSALEKEKTHV
ADFAPEVAWVTRSGKTELAEPIAIRPTSETVMYPAYAKWVQSHRDLPIKLNQWCNVVRWEFKHPQPFLRTREFLWQEGHS
AFATMEEAAEEVLQILDLYAQVYEELLAIPVVKGRKTEKEKFAGGDYTTTIEAFISASGRAIQGGTSHHLGQNFSKMFEI
VFEDPKIPGEKQFAYQNSWGLTTRTIGVMTMVHGDNMGLVLPPRVACVQVVIIPCGITNALSEEDKEALIAKCNDYRRRL
LSVNIRVRADLRDNYSPGWKFNHWELKGVPIRLEVGPRDMKSCQFVAVRRDTGEKLTVAENEAETKLQAILEDIQVTLFT
RASEDLKTHMVVANTMEDFQKILDSGKIVQIPFCGEIDCEDWIKKTTARDQDLEPGAPSMGAKSLCIPFKPLCELQPGAK
CVCGKNPAKYYTLFGRSY
;
_entity_poly.pdbx_strand_id   A,B
#
# COMPACT_ATOMS: atom_id res chain seq x y z
N LEU A 2 6.33 32.78 7.04
CA LEU A 2 6.31 31.92 8.22
C LEU A 2 7.30 32.39 9.29
N GLU A 3 6.94 32.16 10.55
CA GLU A 3 7.67 32.74 11.68
C GLU A 3 9.15 32.34 11.84
N ALA A 4 9.42 31.06 12.06
CA ALA A 4 10.74 30.59 12.41
C ALA A 4 11.76 30.63 11.24
N LYS A 5 13.05 30.80 11.64
CA LYS A 5 14.37 30.59 11.08
C LYS A 5 14.69 29.11 11.20
N LYS A 6 15.92 28.73 11.02
CA LYS A 6 16.22 27.37 11.41
C LYS A 6 17.36 27.29 12.43
N GLU A 7 18.33 28.21 12.43
CA GLU A 7 19.26 28.30 13.57
C GLU A 7 18.68 28.22 15.00
N GLU A 8 17.58 28.95 15.17
CA GLU A 8 16.90 29.31 16.41
C GLU A 8 16.43 28.37 17.53
N ASN A 9 15.46 27.54 17.16
CA ASN A 9 14.69 26.61 17.95
C ASN A 9 14.33 25.55 16.92
N LEU A 10 15.09 24.48 16.79
CA LEU A 10 14.89 23.61 15.64
C LEU A 10 13.49 22.98 15.64
N ALA A 11 13.06 22.51 16.80
CA ALA A 11 11.80 21.79 16.93
C ALA A 11 10.63 22.61 16.37
N ASP A 12 10.45 23.83 16.91
CA ASP A 12 9.31 24.63 16.50
C ASP A 12 9.36 24.96 15.02
N TRP A 13 10.56 25.24 14.48
CA TRP A 13 10.66 25.38 13.03
C TRP A 13 10.13 24.15 12.31
N TYR A 14 10.53 22.96 12.79
CA TYR A 14 10.08 21.73 12.14
C TYR A 14 8.59 21.53 12.35
N SER A 15 8.10 21.82 13.55
CA SER A 15 6.66 21.77 13.80
C SER A 15 5.90 22.64 12.80
N GLN A 16 6.41 23.83 12.51
CA GLN A 16 5.68 24.72 11.61
C GLN A 16 5.84 24.35 10.14
N VAL A 17 7.01 23.86 9.71
CA VAL A 17 7.16 23.56 8.30
C VAL A 17 6.31 22.36 7.90
N ILE A 18 6.18 21.36 8.79
CA ILE A 18 5.40 20.21 8.39
C ILE A 18 3.91 20.53 8.41
N THR A 19 3.49 21.44 9.29
CA THR A 19 2.07 21.81 9.33
C THR A 19 1.71 22.83 8.27
N LYS A 20 2.55 23.84 8.02
CA LYS A 20 2.14 24.90 7.11
C LYS A 20 2.45 24.59 5.66
N SER A 21 3.20 23.53 5.40
CA SER A 21 3.34 23.01 4.05
C SER A 21 2.30 21.96 3.72
N GLU A 22 1.40 21.66 4.67
CA GLU A 22 0.30 20.72 4.46
C GLU A 22 0.76 19.27 4.36
N MET A 23 1.87 18.94 5.03
CA MET A 23 2.36 17.56 5.06
C MET A 23 1.75 16.75 6.20
N ILE A 24 1.64 17.34 7.39
CA ILE A 24 1.23 16.61 8.58
C ILE A 24 -0.01 17.29 9.16
N GLU A 25 -0.87 16.49 9.78
CA GLU A 25 -1.91 17.01 10.68
C GLU A 25 -1.93 16.19 11.95
N TYR A 26 -2.17 16.85 13.07
CA TYR A 26 -2.14 16.17 14.36
C TYR A 26 -3.41 15.37 14.58
N HIS A 27 -3.41 14.59 15.66
CA HIS A 27 -4.45 13.60 15.88
C HIS A 27 -4.66 13.44 17.37
N ASP A 28 -5.88 13.06 17.75
CA ASP A 28 -6.22 12.92 19.17
C ASP A 28 -5.18 12.08 19.90
N ILE A 29 -4.87 10.92 19.35
CA ILE A 29 -3.97 9.96 19.99
C ILE A 29 -2.53 10.40 19.83
N SER A 30 -1.82 10.51 20.95
CA SER A 30 -0.46 11.04 20.96
C SER A 30 0.48 10.18 20.11
N GLY A 31 1.44 10.85 19.47
CA GLY A 31 2.44 10.18 18.66
C GLY A 31 1.93 9.59 17.37
N CYS A 32 0.69 9.90 16.99
CA CYS A 32 0.15 9.53 15.69
C CYS A 32 -0.07 10.78 14.86
N TYR A 33 0.13 10.66 13.55
CA TYR A 33 0.09 11.82 12.68
C TYR A 33 -0.55 11.45 11.35
N ILE A 34 -1.25 12.43 10.79
CA ILE A 34 -1.89 12.28 9.49
C ILE A 34 -0.89 12.65 8.42
N LEU A 35 -0.80 11.82 7.39
CA LEU A 35 0.06 12.07 6.23
C LEU A 35 -0.86 12.64 5.15
N ARG A 36 -0.82 13.97 4.99
CA ARG A 36 -1.62 14.60 3.96
C ARG A 36 -0.98 14.33 2.61
N PRO A 37 -1.69 14.58 1.50
CA PRO A 37 -1.19 14.11 0.18
C PRO A 37 0.17 14.63 -0.20
N TRP A 38 0.54 15.82 0.27
CA TRP A 38 1.82 16.41 -0.11
C TRP A 38 2.99 15.58 0.41
N ALA A 39 2.84 15.03 1.61
CA ALA A 39 3.81 14.14 2.23
C ALA A 39 3.68 12.73 1.70
N TYR A 40 2.44 12.21 1.67
CA TYR A 40 2.22 10.83 1.23
C TYR A 40 2.77 10.60 -0.16
N ALA A 41 2.76 11.63 -1.01
CA ALA A 41 3.28 11.47 -2.36
C ALA A 41 4.77 11.18 -2.34
N ILE A 42 5.52 11.84 -1.46
CA ILE A 42 6.94 11.55 -1.30
C ILE A 42 7.13 10.06 -1.02
N TRP A 43 6.45 9.57 0.02
CA TRP A 43 6.50 8.13 0.34
C TRP A 43 6.19 7.29 -0.88
N GLU A 44 5.21 7.68 -1.69
CA GLU A 44 4.87 6.89 -2.87
C GLU A 44 6.02 6.88 -3.87
N ALA A 45 6.70 8.02 -4.05
CA ALA A 45 7.81 8.06 -4.98
C ALA A 45 8.96 7.17 -4.52
N ILE A 46 9.36 7.32 -3.24
CA ILE A 46 10.32 6.41 -2.62
C ILE A 46 9.90 4.97 -2.81
N LYS A 47 8.61 4.69 -2.60
CA LYS A 47 8.14 3.32 -2.70
C LYS A 47 8.15 2.84 -4.15
N ASP A 48 7.99 3.75 -5.10
CA ASP A 48 7.96 3.31 -6.49
C ASP A 48 9.38 3.03 -6.99
N PHE A 49 10.37 3.75 -6.47
CA PHE A 49 11.75 3.48 -6.85
C PHE A 49 12.21 2.17 -6.21
N PHE A 50 12.13 2.11 -4.88
CA PHE A 50 12.52 0.91 -4.14
C PHE A 50 11.83 -0.34 -4.68
N ASP A 51 10.55 -0.21 -5.05
CA ASP A 51 9.79 -1.39 -5.48
C ASP A 51 10.29 -1.93 -6.80
N ALA A 52 10.59 -1.04 -7.76
CA ALA A 52 11.22 -1.49 -9.00
C ALA A 52 12.55 -2.16 -8.70
N GLU A 53 13.28 -1.65 -7.73
CA GLU A 53 14.63 -2.16 -7.47
C GLU A 53 14.60 -3.59 -6.95
N ILE A 54 13.81 -3.86 -5.91
CA ILE A 54 13.84 -5.19 -5.31
C ILE A 54 13.17 -6.26 -6.15
N LYS A 55 12.45 -5.89 -7.23
CA LYS A 55 11.94 -6.94 -8.10
C LYS A 55 13.01 -7.44 -9.04
N LYS A 56 13.98 -6.60 -9.37
CA LYS A 56 15.12 -7.05 -10.17
C LYS A 56 16.01 -8.01 -9.39
N LEU A 57 15.89 -8.03 -8.06
CA LEU A 57 16.56 -9.01 -7.21
C LEU A 57 15.63 -10.15 -6.80
N GLY A 58 14.48 -10.31 -7.47
CA GLY A 58 13.62 -11.46 -7.24
C GLY A 58 12.75 -11.40 -6.00
N VAL A 59 12.71 -10.28 -5.27
CA VAL A 59 11.80 -10.16 -4.14
C VAL A 59 10.38 -9.95 -4.66
N GLU A 60 9.41 -10.55 -3.97
CA GLU A 60 8.00 -10.38 -4.30
C GLU A 60 7.26 -9.78 -3.12
N ASN A 61 6.29 -8.92 -3.43
CA ASN A 61 5.48 -8.29 -2.40
C ASN A 61 4.38 -9.24 -1.92
N CYS A 62 3.93 -9.02 -0.70
CA CYS A 62 2.96 -9.89 -0.05
C CYS A 62 2.32 -9.12 1.10
N TYR A 63 1.44 -9.78 1.85
CA TYR A 63 0.87 -9.16 3.03
C TYR A 63 0.65 -10.19 4.12
N PHE A 64 1.18 -9.91 5.33
CA PHE A 64 0.97 -10.76 6.50
C PHE A 64 0.05 -10.08 7.50
N PRO A 65 -0.68 -10.87 8.32
CA PRO A 65 -1.53 -10.29 9.36
C PRO A 65 -0.84 -9.25 10.22
N MET A 66 -1.63 -8.37 10.79
CA MET A 66 -1.13 -7.41 11.76
C MET A 66 -1.14 -7.98 13.16
N PHE A 67 -1.82 -9.10 13.36
CA PHE A 67 -2.01 -9.70 14.67
C PHE A 67 -1.08 -10.89 14.88
N VAL A 68 -0.46 -10.92 16.05
CA VAL A 68 0.38 -12.03 16.51
C VAL A 68 -0.16 -12.55 17.83
N SER A 69 -0.10 -13.87 18.01
CA SER A 69 -0.62 -14.54 19.20
C SER A 69 0.17 -14.16 20.44
N GLN A 70 -0.50 -14.27 21.59
CA GLN A 70 0.21 -14.32 22.86
C GLN A 70 1.19 -15.48 22.86
N SER A 71 0.68 -16.70 22.70
CA SER A 71 1.52 -17.89 22.63
C SER A 71 2.70 -17.70 21.69
N ALA A 72 2.42 -17.25 20.46
CA ALA A 72 3.47 -17.19 19.44
C ALA A 72 4.52 -16.13 19.74
N LEU A 73 4.18 -15.05 20.46
CA LEU A 73 5.06 -13.89 20.50
C LEU A 73 6.29 -14.12 21.37
N GLU A 74 6.12 -14.68 22.57
CA GLU A 74 7.26 -15.09 23.39
C GLU A 74 7.44 -16.60 23.39
N LYS A 75 6.91 -17.29 22.38
CA LYS A 75 7.24 -18.69 22.19
C LYS A 75 8.72 -18.87 21.86
N GLU A 76 9.37 -17.80 21.38
CA GLU A 76 10.77 -17.86 21.00
C GLU A 76 11.47 -16.59 21.45
N LYS A 77 12.80 -16.66 21.58
CA LYS A 77 13.59 -15.52 22.01
C LYS A 77 13.94 -14.60 20.83
N THR A 78 12.88 -14.18 20.12
CA THR A 78 13.02 -13.28 18.98
C THR A 78 13.59 -11.92 19.39
N HIS A 79 12.95 -11.28 20.36
CA HIS A 79 13.36 -9.97 20.83
C HIS A 79 13.93 -10.08 22.25
N VAL A 80 14.39 -8.95 22.77
CA VAL A 80 15.02 -8.89 24.07
C VAL A 80 13.97 -8.37 25.06
N ALA A 81 14.26 -8.53 26.34
CA ALA A 81 13.26 -8.22 27.36
C ALA A 81 12.87 -6.75 27.34
N ASP A 82 13.75 -5.88 26.85
CA ASP A 82 13.43 -4.46 26.86
C ASP A 82 12.43 -4.10 25.76
N PHE A 83 12.10 -5.03 24.88
CA PHE A 83 11.13 -4.74 23.83
C PHE A 83 9.70 -5.01 24.25
N ALA A 84 9.49 -5.70 25.38
CA ALA A 84 8.12 -5.98 25.82
C ALA A 84 7.27 -4.73 26.00
N PRO A 85 7.73 -3.65 26.64
CA PRO A 85 6.84 -2.49 26.84
C PRO A 85 6.39 -1.81 25.55
N GLU A 86 7.07 -1.99 24.43
CA GLU A 86 6.72 -1.28 23.20
C GLU A 86 5.62 -1.99 22.39
N VAL A 87 4.96 -3.00 22.96
CA VAL A 87 4.01 -3.83 22.22
C VAL A 87 2.59 -3.46 22.65
N ALA A 88 1.77 -3.05 21.69
CA ALA A 88 0.36 -2.77 21.97
C ALA A 88 -0.43 -4.07 21.94
N TRP A 89 -1.32 -4.23 22.92
CA TRP A 89 -2.13 -5.45 23.05
C TRP A 89 -3.61 -5.15 22.89
N VAL A 90 -4.27 -5.87 21.99
CA VAL A 90 -5.72 -5.87 21.93
C VAL A 90 -6.24 -6.81 23.01
N THR A 91 -7.13 -6.30 23.84
CA THR A 91 -7.65 -7.04 24.99
C THR A 91 -9.13 -7.37 24.85
N ARG A 92 -9.86 -6.58 24.08
CA ARG A 92 -11.31 -6.64 24.09
C ARG A 92 -11.85 -6.44 22.68
N SER A 93 -12.89 -7.19 22.34
CA SER A 93 -13.61 -7.08 21.07
C SER A 93 -15.01 -6.57 21.37
N GLY A 94 -15.32 -5.34 20.97
CA GLY A 94 -16.54 -4.76 21.47
C GLY A 94 -16.37 -4.55 22.95
N LYS A 95 -17.17 -5.20 23.79
CA LYS A 95 -16.83 -5.31 25.20
C LYS A 95 -16.76 -6.75 25.70
N THR A 96 -16.67 -7.75 24.83
CA THR A 96 -16.52 -9.12 25.32
C THR A 96 -15.03 -9.44 25.32
N GLU A 97 -14.46 -9.60 26.52
CA GLU A 97 -13.04 -9.85 26.65
C GLU A 97 -12.61 -11.06 25.83
N LEU A 98 -11.50 -10.91 25.12
CA LEU A 98 -10.96 -12.03 24.37
C LEU A 98 -10.47 -13.08 25.34
N ALA A 99 -10.65 -14.35 24.98
CA ALA A 99 -9.97 -15.41 25.71
C ALA A 99 -8.50 -15.06 25.90
N GLU A 100 -7.83 -14.67 24.82
CA GLU A 100 -6.39 -14.49 24.78
C GLU A 100 -5.93 -13.24 24.05
N PRO A 101 -5.13 -12.41 24.70
CA PRO A 101 -4.63 -11.17 24.09
C PRO A 101 -3.92 -11.38 22.76
N ILE A 102 -4.24 -10.51 21.81
CA ILE A 102 -3.62 -10.46 20.50
C ILE A 102 -2.74 -9.22 20.45
N ALA A 103 -1.57 -9.32 19.83
CA ALA A 103 -0.66 -8.18 19.75
C ALA A 103 -0.60 -7.64 18.33
N ILE A 104 -0.43 -6.32 18.23
CA ILE A 104 -0.26 -5.65 16.95
C ILE A 104 1.24 -5.66 16.62
N ARG A 105 1.57 -6.11 15.42
CA ARG A 105 2.95 -6.43 15.07
C ARG A 105 3.89 -5.24 15.25
N PRO A 106 4.86 -5.31 16.17
CA PRO A 106 5.90 -4.28 16.20
C PRO A 106 6.99 -4.50 15.18
N THR A 107 6.97 -5.66 14.53
CA THR A 107 7.81 -6.15 13.44
C THR A 107 7.19 -7.51 13.11
N SER A 108 7.52 -8.06 11.94
CA SER A 108 6.77 -9.22 11.46
C SER A 108 7.50 -10.54 11.64
N GLU A 109 8.69 -10.54 12.21
CA GLU A 109 9.48 -11.77 12.34
C GLU A 109 8.69 -12.89 13.01
N THR A 110 8.02 -12.58 14.12
CA THR A 110 7.20 -13.56 14.82
C THR A 110 6.00 -14.04 14.00
N VAL A 111 5.63 -13.33 12.93
CA VAL A 111 4.47 -13.70 12.13
C VAL A 111 4.90 -14.44 10.85
N MET A 112 6.04 -14.06 10.28
CA MET A 112 6.45 -14.70 9.02
C MET A 112 7.17 -16.02 9.24
N TYR A 113 8.07 -16.10 10.22
CA TYR A 113 8.98 -17.23 10.30
C TYR A 113 8.30 -18.59 10.52
N PRO A 114 7.20 -18.69 11.28
CA PRO A 114 6.43 -19.95 11.24
C PRO A 114 5.88 -20.28 9.87
N ALA A 115 5.64 -19.28 9.01
CA ALA A 115 5.21 -19.61 7.65
C ALA A 115 6.37 -20.12 6.84
N TYR A 116 7.54 -19.46 6.96
CA TYR A 116 8.73 -19.94 6.26
C TYR A 116 8.98 -21.41 6.59
N ALA A 117 8.84 -21.78 7.86
CA ALA A 117 9.09 -23.16 8.27
C ALA A 117 8.11 -24.13 7.60
N LYS A 118 6.87 -23.72 7.35
CA LYS A 118 5.99 -24.66 6.67
C LYS A 118 6.21 -24.64 5.16
N TRP A 119 6.62 -23.51 4.61
CA TRP A 119 6.82 -23.46 3.16
C TRP A 119 8.08 -24.19 2.73
N VAL A 120 9.07 -24.28 3.61
CA VAL A 120 10.39 -24.79 3.25
C VAL A 120 10.45 -26.24 3.72
N GLN A 121 10.32 -27.16 2.77
CA GLN A 121 10.43 -28.58 3.08
C GLN A 121 11.41 -29.27 2.14
N SER A 122 12.26 -28.51 1.46
CA SER A 122 13.22 -29.07 0.53
C SER A 122 14.12 -27.97 -0.01
N HIS A 123 15.11 -28.41 -0.76
CA HIS A 123 16.11 -27.56 -1.40
C HIS A 123 15.51 -26.70 -2.49
N ARG A 124 14.45 -27.21 -3.14
CA ARG A 124 13.79 -26.48 -4.21
C ARG A 124 13.14 -25.21 -3.68
N ASP A 125 12.64 -25.25 -2.45
CA ASP A 125 11.89 -24.16 -1.82
C ASP A 125 12.73 -22.94 -1.48
N LEU A 126 14.02 -22.91 -1.80
CA LEU A 126 14.79 -21.73 -1.46
C LEU A 126 15.46 -21.15 -2.69
N PRO A 127 15.76 -19.83 -2.69
CA PRO A 127 15.50 -18.86 -1.61
C PRO A 127 14.04 -18.40 -1.52
N ILE A 128 13.66 -17.81 -0.38
CA ILE A 128 12.41 -17.08 -0.21
C ILE A 128 12.77 -15.63 0.01
N LYS A 129 12.39 -14.75 -0.91
CA LYS A 129 12.60 -13.31 -0.74
C LYS A 129 11.25 -12.60 -0.80
N LEU A 130 10.78 -12.09 0.34
CA LEU A 130 9.49 -11.43 0.40
C LEU A 130 9.59 -10.06 1.02
N ASN A 131 8.75 -9.16 0.51
CA ASN A 131 8.63 -7.81 1.02
C ASN A 131 7.17 -7.48 1.28
N GLN A 132 6.93 -6.61 2.26
CA GLN A 132 5.60 -6.06 2.46
C GLN A 132 5.69 -4.61 2.88
N TRP A 133 4.87 -3.75 2.27
CA TRP A 133 4.71 -2.38 2.73
C TRP A 133 3.51 -2.37 3.66
N CYS A 134 3.67 -1.74 4.81
CA CYS A 134 2.73 -2.03 5.88
C CYS A 134 2.90 -0.97 6.95
N ASN A 135 2.07 -1.09 7.98
CA ASN A 135 2.12 -0.22 9.13
C ASN A 135 2.51 -1.08 10.32
N VAL A 136 3.27 -0.50 11.21
CA VAL A 136 3.63 -1.15 12.45
C VAL A 136 3.51 -0.13 13.55
N VAL A 137 3.09 -0.57 14.73
CA VAL A 137 2.98 0.31 15.87
C VAL A 137 4.05 -0.09 16.87
N ARG A 138 4.68 0.92 17.44
CA ARG A 138 5.68 0.75 18.48
C ARG A 138 5.35 1.78 19.55
N TRP A 139 5.02 1.32 20.75
CA TRP A 139 4.69 2.30 21.79
C TRP A 139 6.03 2.88 22.23
N GLU A 140 6.54 3.77 21.38
CA GLU A 140 7.92 4.20 21.48
C GLU A 140 8.04 5.10 22.70
N PHE A 141 8.93 4.72 23.62
CA PHE A 141 8.88 5.32 24.95
C PHE A 141 9.38 6.76 24.92
N LYS A 142 10.54 7.01 24.31
CA LYS A 142 11.01 8.38 24.27
C LYS A 142 10.15 9.17 23.28
N HIS A 143 10.22 10.48 23.40
CA HIS A 143 9.03 11.18 22.99
C HIS A 143 9.00 11.37 21.48
N PRO A 144 7.80 11.38 20.89
CA PRO A 144 7.68 11.36 19.43
C PRO A 144 7.74 12.76 18.80
N GLN A 145 8.08 12.75 17.52
CA GLN A 145 7.86 13.87 16.62
C GLN A 145 7.53 13.31 15.25
N PRO A 146 6.81 14.06 14.41
CA PRO A 146 6.38 13.51 13.12
C PRO A 146 7.57 13.03 12.30
N PHE A 147 7.36 11.88 11.65
CA PHE A 147 8.36 11.22 10.80
C PHE A 147 9.48 10.57 11.59
N LEU A 148 10.27 11.36 12.31
CA LEU A 148 11.50 10.82 12.90
C LEU A 148 11.23 9.64 13.82
N ARG A 149 10.35 9.81 14.81
CA ARG A 149 9.96 8.68 15.63
C ARG A 149 8.49 8.79 15.97
N THR A 150 7.71 7.90 15.39
CA THR A 150 6.28 7.88 15.54
C THR A 150 5.93 6.65 16.40
N ARG A 151 4.64 6.48 16.69
CA ARG A 151 4.12 5.34 17.40
C ARG A 151 3.40 4.38 16.48
N GLU A 152 2.85 4.87 15.37
CA GLU A 152 2.52 4.05 14.21
C GLU A 152 3.24 4.61 12.99
N PHE A 153 3.79 3.76 12.14
CA PHE A 153 4.48 4.36 11.02
C PHE A 153 4.42 3.43 9.83
N LEU A 154 4.80 3.96 8.68
CA LEU A 154 4.79 3.16 7.48
C LEU A 154 6.22 2.79 7.16
N TRP A 155 6.40 1.56 6.69
CA TRP A 155 7.70 1.09 6.28
C TRP A 155 7.49 -0.02 5.27
N GLN A 156 8.57 -0.47 4.68
CA GLN A 156 8.61 -1.81 4.10
C GLN A 156 9.55 -2.65 4.94
N GLU A 157 9.22 -3.92 5.11
CA GLU A 157 10.13 -4.84 5.78
C GLU A 157 10.32 -6.06 4.91
N GLY A 158 11.58 -6.33 4.55
CA GLY A 158 11.95 -7.48 3.75
C GLY A 158 12.48 -8.62 4.61
N HIS A 159 12.08 -9.84 4.25
CA HIS A 159 12.61 -11.03 4.90
C HIS A 159 12.94 -12.05 3.83
N SER A 160 14.23 -12.44 3.75
CA SER A 160 14.67 -13.42 2.78
C SER A 160 15.38 -14.56 3.48
N ALA A 161 15.19 -15.77 2.95
CA ALA A 161 15.74 -17.00 3.49
C ALA A 161 16.59 -17.67 2.42
N PHE A 162 17.81 -18.08 2.77
CA PHE A 162 18.71 -18.67 1.79
C PHE A 162 19.28 -19.99 2.28
N ALA A 163 19.67 -20.84 1.32
CA ALA A 163 20.30 -22.11 1.64
C ALA A 163 21.78 -21.95 1.99
N THR A 164 22.47 -21.02 1.35
CA THR A 164 23.88 -20.83 1.61
C THR A 164 24.16 -19.45 2.18
N MET A 165 25.14 -19.43 3.08
CA MET A 165 25.69 -18.19 3.63
C MET A 165 26.04 -17.15 2.57
N GLU A 166 26.69 -17.57 1.48
CA GLU A 166 27.22 -16.60 0.52
C GLU A 166 26.11 -15.74 -0.06
N GLU A 167 24.97 -16.35 -0.36
CA GLU A 167 23.89 -15.60 -0.98
C GLU A 167 23.31 -14.56 -0.01
N ALA A 168 23.09 -14.96 1.24
CA ALA A 168 22.58 -14.05 2.25
C ALA A 168 23.47 -12.82 2.37
N ALA A 169 24.76 -13.03 2.64
CA ALA A 169 25.69 -11.91 2.84
C ALA A 169 25.74 -11.02 1.61
N GLU A 170 25.48 -11.56 0.43
CA GLU A 170 25.38 -10.72 -0.76
C GLU A 170 24.14 -9.83 -0.70
N GLU A 171 22.98 -10.40 -0.35
CA GLU A 171 21.74 -9.63 -0.39
C GLU A 171 21.70 -8.58 0.72
N VAL A 172 22.45 -8.80 1.81
CA VAL A 172 22.49 -7.80 2.88
C VAL A 172 23.05 -6.49 2.36
N LEU A 173 24.10 -6.55 1.54
CA LEU A 173 24.74 -5.31 1.12
C LEU A 173 24.09 -4.71 -0.11
N GLN A 174 23.51 -5.52 -0.98
CA GLN A 174 22.73 -4.99 -2.10
C GLN A 174 21.60 -4.11 -1.58
N ILE A 175 20.78 -4.68 -0.69
CA ILE A 175 19.70 -3.95 -0.04
C ILE A 175 20.23 -2.68 0.60
N LEU A 176 21.39 -2.78 1.27
CA LEU A 176 21.96 -1.60 1.89
C LEU A 176 22.37 -0.57 0.85
N ASP A 177 22.87 -1.00 -0.30
CA ASP A 177 23.26 -0.02 -1.30
C ASP A 177 22.04 0.66 -1.90
N LEU A 178 20.93 -0.07 -2.03
CA LEU A 178 19.67 0.54 -2.46
C LEU A 178 19.20 1.61 -1.47
N TYR A 179 19.19 1.29 -0.18
CA TYR A 179 18.83 2.28 0.84
C TYR A 179 19.66 3.55 0.64
N ALA A 180 20.97 3.39 0.51
CA ALA A 180 21.83 4.53 0.22
C ALA A 180 21.43 5.21 -1.08
N GLN A 181 21.05 4.42 -2.09
CA GLN A 181 20.53 4.98 -3.34
C GLN A 181 19.33 5.88 -3.08
N VAL A 182 18.39 5.41 -2.27
CA VAL A 182 17.20 6.21 -1.95
C VAL A 182 17.61 7.54 -1.35
N TYR A 183 18.44 7.50 -0.31
CA TYR A 183 18.80 8.71 0.43
C TYR A 183 19.60 9.69 -0.44
N GLU A 184 20.37 9.18 -1.40
CA GLU A 184 21.30 9.99 -2.18
C GLU A 184 20.81 10.24 -3.60
N GLU A 185 20.16 9.28 -4.25
CA GLU A 185 19.65 9.52 -5.60
C GLU A 185 18.31 10.24 -5.61
N LEU A 186 17.41 9.90 -4.68
CA LEU A 186 16.07 10.49 -4.63
C LEU A 186 16.00 11.71 -3.72
N LEU A 187 16.43 11.56 -2.47
CA LEU A 187 16.27 12.58 -1.44
C LEU A 187 17.41 13.58 -1.40
N ALA A 188 18.52 13.28 -2.09
CA ALA A 188 19.72 14.12 -2.09
C ALA A 188 20.28 14.31 -0.68
N ILE A 189 20.25 13.27 0.12
CA ILE A 189 20.91 13.24 1.43
C ILE A 189 22.15 12.36 1.35
N PRO A 190 23.33 12.85 1.70
CA PRO A 190 24.51 11.97 1.79
C PRO A 190 24.50 11.14 3.06
N VAL A 191 24.95 9.89 2.94
CA VAL A 191 24.87 8.91 4.01
C VAL A 191 26.20 8.19 4.19
N VAL A 192 26.36 7.58 5.37
CA VAL A 192 27.53 6.77 5.69
C VAL A 192 27.05 5.35 5.94
N LYS A 193 27.62 4.40 5.19
CA LYS A 193 27.31 3.00 5.44
C LYS A 193 28.26 2.48 6.51
N GLY A 194 27.74 1.56 7.32
CA GLY A 194 28.42 1.18 8.54
C GLY A 194 27.81 -0.08 9.11
N ARG A 195 28.46 -0.59 10.15
CA ARG A 195 27.96 -1.74 10.87
C ARG A 195 27.75 -1.36 12.33
N LYS A 196 26.72 -1.92 12.96
CA LYS A 196 26.46 -1.66 14.37
C LYS A 196 27.45 -2.43 15.25
N THR A 197 27.57 -1.98 16.49
CA THR A 197 28.43 -2.57 17.50
C THR A 197 27.64 -3.65 18.24
N GLU A 198 28.19 -4.21 19.34
CA GLU A 198 27.37 -5.17 20.09
C GLU A 198 26.26 -4.48 20.85
N LYS A 199 26.49 -3.27 21.35
CA LYS A 199 25.44 -2.60 22.10
C LYS A 199 24.25 -2.32 21.19
N GLU A 200 24.52 -1.88 19.96
CA GLU A 200 23.50 -1.37 19.07
C GLU A 200 23.06 -2.35 17.98
N LYS A 201 23.64 -3.55 17.93
CA LYS A 201 23.15 -4.45 16.89
C LYS A 201 21.89 -5.16 17.37
N PHE A 202 21.13 -5.68 16.42
CA PHE A 202 19.92 -6.42 16.76
C PHE A 202 20.32 -7.75 17.38
N ALA A 203 20.06 -7.89 18.69
CA ALA A 203 20.59 -9.02 19.45
C ALA A 203 20.27 -10.37 18.81
N GLY A 204 19.10 -10.50 18.19
CA GLY A 204 18.80 -11.80 17.63
C GLY A 204 19.47 -12.16 16.32
N GLY A 205 20.42 -11.35 15.85
CA GLY A 205 21.06 -11.61 14.57
C GLY A 205 22.54 -11.88 14.71
N ASP A 206 23.28 -11.86 13.59
CA ASP A 206 24.73 -11.95 13.66
C ASP A 206 25.41 -10.60 13.46
N TYR A 207 25.05 -9.86 12.41
CA TYR A 207 25.51 -8.48 12.32
C TYR A 207 24.44 -7.62 11.68
N THR A 208 24.54 -6.31 11.94
CA THR A 208 23.56 -5.33 11.49
C THR A 208 24.26 -4.24 10.69
N THR A 209 23.77 -4.00 9.49
CA THR A 209 24.29 -2.96 8.62
C THR A 209 23.34 -1.76 8.63
N THR A 210 23.85 -0.59 8.25
CA THR A 210 23.08 0.63 8.46
C THR A 210 23.63 1.75 7.58
N ILE A 211 22.78 2.75 7.36
CA ILE A 211 23.17 4.03 6.81
C ILE A 211 22.83 5.09 7.84
N GLU A 212 23.68 6.12 7.94
CA GLU A 212 23.49 7.17 8.93
C GLU A 212 23.54 8.53 8.25
N ALA A 213 22.52 9.33 8.48
CA ALA A 213 22.42 10.68 7.95
C ALA A 213 22.70 11.66 9.08
N PHE A 214 23.13 12.87 8.71
CA PHE A 214 23.50 13.88 9.69
C PHE A 214 22.67 15.14 9.51
N ILE A 215 22.01 15.56 10.58
CA ILE A 215 21.26 16.81 10.62
C ILE A 215 22.16 17.83 11.30
N SER A 216 22.71 18.77 10.53
CA SER A 216 23.59 19.78 11.11
C SER A 216 22.84 20.72 12.04
N ALA A 217 21.61 21.11 11.67
CA ALA A 217 20.89 22.10 12.46
C ALA A 217 20.75 21.66 13.91
N SER A 218 20.38 20.39 14.13
CA SER A 218 20.39 19.86 15.48
C SER A 218 21.76 19.34 15.89
N GLY A 219 22.58 18.94 14.93
CA GLY A 219 23.88 18.37 15.24
C GLY A 219 23.86 16.88 15.50
N ARG A 220 22.74 16.21 15.24
CA ARG A 220 22.59 14.80 15.52
C ARG A 220 22.58 13.99 14.24
N ALA A 221 22.99 12.74 14.35
CA ALA A 221 22.82 11.78 13.27
C ALA A 221 21.54 10.99 13.48
N ILE A 222 21.05 10.42 12.39
CA ILE A 222 19.82 9.66 12.38
C ILE A 222 20.07 8.43 11.55
N GLN A 223 19.63 7.27 12.01
CA GLN A 223 19.81 6.07 11.23
C GLN A 223 18.62 5.91 10.30
N GLY A 224 18.91 5.72 9.02
CA GLY A 224 17.91 5.88 7.99
C GLY A 224 17.45 4.57 7.40
N GLY A 225 17.94 3.45 7.91
CA GLY A 225 17.68 2.16 7.32
C GLY A 225 18.64 1.13 7.87
N THR A 226 18.20 -0.13 7.83
CA THR A 226 18.92 -1.21 8.50
C THR A 226 18.78 -2.47 7.68
N SER A 227 19.87 -3.21 7.58
CA SER A 227 19.88 -4.49 6.88
C SER A 227 20.63 -5.48 7.76
N HIS A 228 19.90 -6.49 8.24
CA HIS A 228 20.44 -7.49 9.14
C HIS A 228 20.79 -8.75 8.36
N HIS A 229 21.95 -9.32 8.68
CA HIS A 229 22.19 -10.72 8.36
C HIS A 229 21.88 -11.51 9.62
N LEU A 230 20.89 -12.39 9.52
CA LEU A 230 20.41 -13.10 10.70
C LEU A 230 21.11 -14.43 10.89
N GLY A 231 21.88 -14.88 9.91
CA GLY A 231 22.46 -16.20 10.00
C GLY A 231 21.36 -17.22 10.18
N GLN A 232 21.55 -18.13 11.14
CA GLN A 232 20.57 -19.17 11.40
C GLN A 232 20.00 -19.09 12.82
N ASN A 233 20.24 -18.00 13.57
CA ASN A 233 19.61 -17.86 14.88
C ASN A 233 18.12 -18.12 14.83
N PHE A 234 17.45 -17.58 13.80
CA PHE A 234 16.01 -17.76 13.66
C PHE A 234 15.68 -19.04 12.94
N SER A 235 16.54 -19.46 12.01
CA SER A 235 16.35 -20.74 11.34
C SER A 235 16.18 -21.88 12.33
N LYS A 236 17.11 -22.02 13.28
CA LYS A 236 17.04 -23.13 14.20
C LYS A 236 16.00 -22.90 15.29
N MET A 237 15.62 -21.66 15.53
CA MET A 237 14.63 -21.39 16.56
C MET A 237 13.21 -21.67 16.06
N PHE A 238 12.88 -21.23 14.85
CA PHE A 238 11.59 -21.50 14.22
C PHE A 238 11.61 -22.77 13.37
N GLU A 239 12.73 -23.48 13.35
CA GLU A 239 12.87 -24.79 12.71
C GLU A 239 12.60 -24.71 11.21
N ILE A 240 13.31 -23.82 10.52
CA ILE A 240 13.19 -23.71 9.07
C ILE A 240 14.32 -24.58 8.52
N VAL A 241 14.00 -25.85 8.29
CA VAL A 241 14.97 -26.85 7.87
C VAL A 241 14.50 -27.53 6.59
N PHE A 242 15.48 -27.90 5.78
CA PHE A 242 15.30 -28.72 4.61
C PHE A 242 16.36 -29.82 4.67
N GLU A 243 16.03 -31.00 4.14
CA GLU A 243 17.04 -32.05 3.99
C GLU A 243 17.50 -32.09 2.54
N ASP A 244 18.82 -32.01 2.32
CA ASP A 244 19.38 -32.25 1.00
C ASP A 244 19.79 -33.72 0.89
N PRO A 245 19.31 -34.44 -0.13
CA PRO A 245 19.70 -35.86 -0.27
C PRO A 245 21.16 -36.06 -0.58
N LYS A 246 21.84 -35.04 -1.10
CA LYS A 246 23.26 -35.14 -1.37
C LYS A 246 24.05 -35.23 -0.07
N ILE A 247 23.62 -34.49 0.93
CA ILE A 247 24.27 -34.53 2.24
C ILE A 247 23.33 -35.30 3.15
N PRO A 248 23.46 -36.63 3.19
CA PRO A 248 22.51 -37.46 3.95
C PRO A 248 22.55 -37.17 5.44
N GLY A 249 21.41 -36.77 5.98
CA GLY A 249 21.25 -36.82 7.43
C GLY A 249 21.90 -35.70 8.21
N GLU A 250 21.87 -34.48 7.71
CA GLU A 250 22.25 -33.31 8.50
C GLU A 250 21.11 -32.31 8.43
N LYS A 251 20.60 -31.87 9.58
CA LYS A 251 19.56 -30.85 9.55
C LYS A 251 20.17 -29.60 8.95
N GLN A 252 19.59 -29.09 7.88
CA GLN A 252 20.12 -27.87 7.30
C GLN A 252 19.20 -26.71 7.64
N PHE A 253 19.77 -25.71 8.29
CA PHE A 253 19.05 -24.51 8.70
C PHE A 253 19.27 -23.43 7.64
N ALA A 254 18.22 -22.66 7.38
CA ALA A 254 18.29 -21.62 6.36
C ALA A 254 19.06 -20.41 6.86
N TYR A 255 19.68 -19.70 5.93
CA TYR A 255 20.34 -18.43 6.24
C TYR A 255 19.41 -17.28 5.89
N GLN A 256 19.19 -16.38 6.85
CA GLN A 256 18.14 -15.38 6.72
C GLN A 256 18.68 -13.97 6.90
N ASN A 257 18.05 -13.04 6.16
CA ASN A 257 18.25 -11.61 6.28
C ASN A 257 16.90 -10.95 6.57
N SER A 258 16.95 -9.71 7.04
CA SER A 258 15.75 -8.91 7.22
C SER A 258 16.16 -7.45 7.06
N TRP A 259 15.31 -6.65 6.42
CA TRP A 259 15.67 -5.25 6.18
C TRP A 259 14.44 -4.34 6.15
N GLY A 260 14.61 -3.11 6.62
CA GLY A 260 13.51 -2.20 6.84
C GLY A 260 13.90 -0.76 6.58
N LEU A 261 12.94 0.01 6.10
CA LEU A 261 13.14 1.42 5.77
C LEU A 261 11.79 2.11 5.96
N THR A 262 11.77 3.23 6.70
CA THR A 262 10.51 3.87 7.10
C THR A 262 10.37 5.28 6.55
N THR A 263 9.23 5.88 6.90
CA THR A 263 8.88 7.27 6.64
C THR A 263 9.76 8.26 7.40
N ARG A 264 10.63 7.80 8.30
CA ARG A 264 11.64 8.69 8.86
C ARG A 264 12.48 9.31 7.76
N THR A 265 12.52 8.64 6.61
CA THR A 265 13.12 9.18 5.41
C THR A 265 12.59 10.58 5.10
N ILE A 266 11.27 10.77 5.18
CA ILE A 266 10.67 12.06 4.85
C ILE A 266 11.08 13.12 5.87
N GLY A 267 11.12 12.75 7.15
CA GLY A 267 11.63 13.65 8.17
C GLY A 267 13.07 14.09 7.94
N VAL A 268 13.92 13.17 7.48
CA VAL A 268 15.32 13.53 7.29
C VAL A 268 15.45 14.51 6.13
N MET A 269 14.70 14.30 5.05
CA MET A 269 14.76 15.21 3.91
C MET A 269 14.26 16.60 4.28
N THR A 270 13.19 16.69 5.08
CA THR A 270 12.76 18.00 5.58
C THR A 270 13.86 18.68 6.37
N MET A 271 14.43 17.96 7.33
CA MET A 271 15.38 18.57 8.26
C MET A 271 16.63 19.09 7.55
N VAL A 272 17.14 18.36 6.56
CA VAL A 272 18.41 18.78 5.98
C VAL A 272 18.21 19.83 4.88
N HIS A 273 17.24 19.65 3.99
CA HIS A 273 17.05 20.61 2.90
C HIS A 273 16.19 21.82 3.29
N GLY A 274 15.41 21.72 4.37
CA GLY A 274 14.53 22.77 4.86
C GLY A 274 15.20 24.08 5.24
N ASP A 275 14.59 25.18 4.80
CA ASP A 275 15.00 26.58 4.94
C ASP A 275 13.92 27.33 5.74
N ASN A 276 14.06 28.66 5.80
CA ASN A 276 13.14 29.51 6.56
C ASN A 276 12.06 30.10 5.66
N MET A 277 12.01 29.65 4.42
CA MET A 277 10.90 29.92 3.52
C MET A 277 10.04 28.67 3.33
N GLY A 278 10.24 27.64 4.15
CA GLY A 278 9.37 26.47 4.18
C GLY A 278 10.12 25.21 3.81
N LEU A 279 9.43 24.33 3.08
CA LEU A 279 10.03 23.08 2.67
C LEU A 279 10.93 23.32 1.46
N VAL A 280 11.80 22.34 1.19
CA VAL A 280 12.55 22.32 -0.07
C VAL A 280 12.49 20.89 -0.58
N LEU A 281 12.01 20.70 -1.79
CA LEU A 281 11.81 19.36 -2.27
C LEU A 281 12.85 18.99 -3.31
N PRO A 282 13.56 17.88 -3.11
CA PRO A 282 14.33 17.30 -4.19
C PRO A 282 13.43 17.06 -5.38
N PRO A 283 13.82 17.52 -6.58
CA PRO A 283 12.91 17.42 -7.72
C PRO A 283 12.45 16.01 -8.04
N ARG A 284 13.33 15.02 -7.90
CA ARG A 284 12.94 13.67 -8.30
C ARG A 284 11.97 13.04 -7.31
N VAL A 285 11.68 13.73 -6.22
CA VAL A 285 10.70 13.26 -5.26
C VAL A 285 9.50 14.20 -5.13
N ALA A 286 9.61 15.46 -5.56
CA ALA A 286 8.50 16.39 -5.42
C ALA A 286 7.34 15.96 -6.30
N CYS A 287 6.21 15.67 -5.68
CA CYS A 287 5.02 15.29 -6.44
C CYS A 287 4.63 16.32 -7.49
N VAL A 288 4.84 17.61 -7.21
CA VAL A 288 4.72 18.64 -8.23
C VAL A 288 6.08 19.33 -8.35
N GLN A 289 6.68 19.20 -9.53
CA GLN A 289 7.97 19.79 -9.83
C GLN A 289 7.86 21.18 -10.44
N VAL A 290 6.80 21.42 -11.21
CA VAL A 290 6.59 22.71 -11.83
C VAL A 290 5.16 23.13 -11.56
N VAL A 291 4.99 24.28 -10.90
CA VAL A 291 3.70 24.92 -10.73
C VAL A 291 3.62 26.07 -11.71
N ILE A 292 2.61 26.06 -12.58
CA ILE A 292 2.36 27.12 -13.57
C ILE A 292 1.39 28.12 -12.98
N ILE A 293 1.78 29.38 -13.01
CA ILE A 293 1.01 30.53 -12.47
C ILE A 293 0.96 31.61 -13.54
N PRO A 294 -0.18 32.12 -13.86
CA PRO A 294 -0.10 33.38 -14.62
C PRO A 294 0.09 34.53 -13.66
N CYS A 295 1.05 35.43 -13.89
CA CYS A 295 0.96 36.83 -13.42
C CYS A 295 0.94 38.09 -14.28
N GLY A 296 1.99 38.31 -15.04
CA GLY A 296 2.29 39.70 -15.48
C GLY A 296 3.49 40.35 -14.79
N ILE A 297 4.19 39.63 -13.89
CA ILE A 297 4.93 40.35 -12.80
C ILE A 297 6.41 40.38 -13.13
N LEU A 301 -9.67 45.44 -16.12
CA LEU A 301 -8.53 45.77 -16.96
C LEU A 301 -8.13 44.58 -17.83
N SER A 302 -8.59 44.65 -19.08
CA SER A 302 -8.56 43.68 -20.17
C SER A 302 -9.46 42.49 -19.84
N GLU A 303 -10.23 42.01 -20.81
CA GLU A 303 -11.16 40.92 -20.52
C GLU A 303 -11.02 39.55 -21.20
N GLU A 304 -11.06 39.59 -22.54
CA GLU A 304 -11.09 38.40 -23.38
C GLU A 304 -9.78 37.64 -23.38
N ASP A 305 -8.69 38.33 -23.09
CA ASP A 305 -7.36 37.76 -23.12
C ASP A 305 -6.97 37.15 -21.79
N LYS A 306 -7.86 37.21 -20.80
CA LYS A 306 -7.56 36.55 -19.55
C LYS A 306 -7.89 35.07 -19.62
N GLU A 307 -8.84 34.68 -20.47
CA GLU A 307 -9.02 33.28 -20.77
C GLU A 307 -7.95 32.75 -21.72
N ALA A 308 -7.34 33.64 -22.51
CA ALA A 308 -6.17 33.28 -23.30
C ALA A 308 -4.89 33.26 -22.47
N LEU A 309 -4.89 33.96 -21.32
CA LEU A 309 -3.81 33.74 -20.38
C LEU A 309 -3.89 32.34 -19.79
N ILE A 310 -5.12 31.88 -19.53
CA ILE A 310 -5.35 30.59 -18.89
C ILE A 310 -5.31 29.44 -19.92
N ALA A 311 -5.60 29.71 -21.19
CA ALA A 311 -5.49 28.65 -22.20
C ALA A 311 -4.03 28.34 -22.50
N LYS A 312 -3.14 29.32 -22.35
CA LYS A 312 -1.72 29.08 -22.58
C LYS A 312 -1.11 28.35 -21.40
N CYS A 313 -1.62 28.58 -20.20
CA CYS A 313 -1.16 27.86 -19.02
C CYS A 313 -1.43 26.38 -19.14
N ASN A 314 -2.61 26.02 -19.62
CA ASN A 314 -2.93 24.62 -19.75
C ASN A 314 -2.24 24.01 -20.95
N ASP A 315 -1.72 24.83 -21.86
CA ASP A 315 -0.87 24.33 -22.92
C ASP A 315 0.53 24.04 -22.39
N TYR A 316 1.08 24.96 -21.60
CA TYR A 316 2.34 24.72 -20.90
C TYR A 316 2.28 23.41 -20.12
N ARG A 317 1.23 23.24 -19.31
CA ARG A 317 1.00 21.99 -18.58
C ARG A 317 1.05 20.75 -19.47
N ARG A 318 0.19 20.71 -20.48
CA ARG A 318 0.05 19.52 -21.31
C ARG A 318 1.35 19.17 -22.03
N ARG A 319 2.07 20.19 -22.50
CA ARG A 319 3.26 19.99 -23.33
C ARG A 319 4.39 19.31 -22.57
N LEU A 320 4.51 19.58 -21.27
CA LEU A 320 5.55 18.94 -20.46
C LEU A 320 5.07 17.69 -19.72
N LEU A 321 3.75 17.46 -19.62
CA LEU A 321 3.29 16.12 -19.26
C LEU A 321 3.60 15.12 -20.37
N SER A 322 3.77 15.59 -21.60
CA SER A 322 4.27 14.77 -22.70
C SER A 322 5.77 14.53 -22.57
N VAL A 323 6.45 15.31 -21.73
CA VAL A 323 7.84 15.09 -21.35
C VAL A 323 7.91 14.47 -19.94
N ASN A 324 6.78 14.03 -19.42
CA ASN A 324 6.70 13.35 -18.12
C ASN A 324 7.27 14.20 -16.98
N ILE A 325 7.03 15.51 -17.05
CA ILE A 325 7.23 16.37 -15.89
C ILE A 325 5.91 16.42 -15.13
N ARG A 326 5.97 16.25 -13.82
CA ARG A 326 4.78 16.37 -13.00
C ARG A 326 4.52 17.84 -12.74
N VAL A 327 3.30 18.26 -13.06
CA VAL A 327 2.96 19.67 -13.21
C VAL A 327 1.58 19.93 -12.63
N ARG A 328 1.42 21.11 -12.05
CA ARG A 328 0.11 21.61 -11.63
C ARG A 328 0.00 23.07 -12.02
N ALA A 329 -0.98 23.41 -12.84
CA ALA A 329 -1.33 24.80 -13.08
C ALA A 329 -2.23 25.27 -11.95
N ASP A 330 -1.83 26.36 -11.27
CA ASP A 330 -2.66 26.95 -10.23
C ASP A 330 -3.52 28.04 -10.86
N LEU A 331 -4.67 27.66 -11.38
CA LEU A 331 -5.57 28.58 -12.07
C LEU A 331 -6.62 29.19 -11.17
N ARG A 332 -6.45 29.08 -9.85
CA ARG A 332 -7.34 29.75 -8.92
C ARG A 332 -7.24 31.27 -9.07
N ASP A 333 -8.39 31.90 -9.26
CA ASP A 333 -8.46 33.35 -9.34
C ASP A 333 -8.75 33.98 -7.99
N ASN A 334 -9.07 33.15 -6.99
CA ASN A 334 -9.38 33.65 -5.65
C ASN A 334 -8.19 34.31 -4.99
N TYR A 335 -6.96 34.05 -5.43
CA TYR A 335 -5.79 34.49 -4.70
C TYR A 335 -4.89 35.35 -5.59
N SER A 336 -4.25 36.32 -4.96
CA SER A 336 -3.23 37.11 -5.62
C SER A 336 -2.11 36.18 -6.11
N PRO A 337 -1.50 36.48 -7.26
CA PRO A 337 -0.33 35.70 -7.67
C PRO A 337 0.78 35.71 -6.63
N GLY A 338 1.01 36.84 -5.97
CA GLY A 338 1.99 36.88 -4.89
C GLY A 338 1.70 35.89 -3.78
N TRP A 339 0.41 35.68 -3.48
CA TRP A 339 0.05 34.73 -2.42
C TRP A 339 0.37 33.29 -2.84
N LYS A 340 0.17 32.96 -4.12
CA LYS A 340 0.48 31.62 -4.57
C LYS A 340 1.98 31.37 -4.55
N PHE A 341 2.78 32.41 -4.81
CA PHE A 341 4.23 32.30 -4.73
C PHE A 341 4.68 31.88 -3.35
N ASN A 342 4.23 32.60 -2.31
CA ASN A 342 4.54 32.17 -0.94
C ASN A 342 4.00 30.78 -0.70
N HIS A 343 2.73 30.55 -1.06
CA HIS A 343 2.10 29.26 -0.81
C HIS A 343 2.87 28.10 -1.40
N TRP A 344 3.21 28.16 -2.69
CA TRP A 344 3.93 27.02 -3.26
C TRP A 344 5.39 26.99 -2.85
N GLU A 345 5.92 28.08 -2.30
CA GLU A 345 7.29 28.05 -1.80
C GLU A 345 7.36 27.44 -0.40
N LEU A 346 6.35 27.71 0.44
CA LEU A 346 6.29 27.02 1.72
C LEU A 346 6.11 25.51 1.56
N LYS A 347 5.59 25.08 0.41
CA LYS A 347 5.55 23.67 0.07
C LYS A 347 6.78 23.23 -0.72
N GLY A 348 7.71 24.14 -0.97
CA GLY A 348 9.00 23.79 -1.54
C GLY A 348 8.97 23.32 -2.97
N VAL A 349 8.01 23.79 -3.77
CA VAL A 349 7.98 23.35 -5.17
C VAL A 349 9.26 23.78 -5.86
N PRO A 350 9.95 22.90 -6.56
CA PRO A 350 11.25 23.30 -7.15
C PRO A 350 11.16 24.42 -8.18
N ILE A 351 10.26 24.33 -9.16
CA ILE A 351 10.17 25.31 -10.23
C ILE A 351 8.81 26.01 -10.25
N ARG A 352 8.82 27.33 -10.07
CA ARG A 352 7.65 28.16 -10.33
C ARG A 352 7.76 28.78 -11.73
N LEU A 353 6.70 28.60 -12.55
CA LEU A 353 6.64 29.13 -13.91
C LEU A 353 5.61 30.24 -13.95
N GLU A 354 6.07 31.47 -14.14
CA GLU A 354 5.19 32.63 -14.25
C GLU A 354 5.00 32.99 -15.71
N VAL A 355 3.74 33.10 -16.13
CA VAL A 355 3.41 33.57 -17.47
C VAL A 355 2.47 34.77 -17.33
N GLY A 356 2.90 35.91 -17.84
CA GLY A 356 2.10 37.11 -17.83
C GLY A 356 1.71 37.51 -19.22
N PRO A 357 0.65 38.32 -19.36
CA PRO A 357 0.21 38.67 -20.72
C PRO A 357 1.26 39.45 -21.49
N ARG A 358 2.02 40.32 -20.82
CA ARG A 358 3.00 41.13 -21.52
C ARG A 358 4.26 40.33 -21.80
N ASP A 359 4.46 39.23 -21.09
CA ASP A 359 5.50 38.26 -21.39
C ASP A 359 4.99 37.13 -22.28
N MET A 360 3.67 36.93 -22.34
CA MET A 360 3.11 35.86 -23.16
C MET A 360 3.27 36.15 -24.65
N LYS A 361 2.89 37.35 -25.09
CA LYS A 361 3.10 37.74 -26.48
C LYS A 361 4.54 38.17 -26.74
N SER A 362 5.38 38.15 -25.70
CA SER A 362 6.82 38.11 -25.82
C SER A 362 7.27 36.73 -26.28
N CYS A 363 6.33 35.78 -26.33
CA CYS A 363 6.57 34.38 -26.64
C CYS A 363 7.41 33.71 -25.59
N GLN A 364 7.08 33.94 -24.31
CA GLN A 364 7.95 33.41 -23.26
C GLN A 364 7.30 33.37 -21.88
N PHE A 365 8.11 32.93 -20.91
CA PHE A 365 7.81 32.79 -19.50
C PHE A 365 9.10 32.91 -18.71
N VAL A 366 8.97 33.20 -17.42
CA VAL A 366 10.09 33.23 -16.48
C VAL A 366 9.98 32.06 -15.52
N ALA A 367 11.12 31.48 -15.15
CA ALA A 367 11.17 30.39 -14.18
C ALA A 367 12.03 30.79 -12.99
N VAL A 368 11.54 30.47 -11.79
CA VAL A 368 12.26 30.72 -10.54
C VAL A 368 12.51 29.38 -9.86
N ARG A 369 13.75 29.13 -9.47
CA ARG A 369 14.06 27.89 -8.79
C ARG A 369 13.99 28.09 -7.29
N ARG A 370 13.55 27.05 -6.59
CA ARG A 370 13.37 27.09 -5.15
C ARG A 370 14.67 26.93 -4.39
N ASP A 371 15.67 26.33 -5.04
CA ASP A 371 16.98 26.11 -4.46
C ASP A 371 17.66 27.44 -4.10
N THR A 372 17.86 28.29 -5.09
CA THR A 372 18.60 29.54 -4.97
C THR A 372 17.71 30.77 -4.97
N GLY A 373 16.60 30.71 -5.71
CA GLY A 373 15.66 31.78 -5.85
C GLY A 373 15.94 32.75 -6.99
N GLU A 374 16.92 32.48 -7.83
CA GLU A 374 17.13 33.39 -8.95
C GLU A 374 16.17 33.08 -10.09
N LYS A 375 15.99 34.08 -10.95
CA LYS A 375 14.99 34.07 -12.01
C LYS A 375 15.70 34.05 -13.36
N LEU A 376 15.26 33.17 -14.26
CA LEU A 376 15.70 33.21 -15.65
C LEU A 376 14.49 33.16 -16.58
N THR A 377 14.71 33.50 -17.86
CA THR A 377 13.69 33.41 -18.90
C THR A 377 14.23 32.61 -20.08
N VAL A 378 13.46 31.61 -20.54
CA VAL A 378 13.90 30.64 -21.55
C VAL A 378 12.82 30.38 -22.61
N ALA A 379 13.24 30.07 -23.83
CA ALA A 379 12.34 30.14 -24.98
C ALA A 379 11.05 29.36 -24.75
N GLU A 380 9.96 29.89 -25.31
CA GLU A 380 8.70 29.16 -25.23
C GLU A 380 8.85 27.83 -25.94
N ASN A 381 9.42 27.86 -27.15
CA ASN A 381 9.81 26.64 -27.81
C ASN A 381 10.79 25.82 -26.97
N GLU A 382 11.73 26.48 -26.29
CA GLU A 382 12.73 25.75 -25.52
C GLU A 382 12.24 25.56 -24.08
N ALA A 383 11.07 24.92 -23.94
CA ALA A 383 10.50 24.69 -22.60
C ALA A 383 10.74 23.28 -22.06
N GLU A 384 10.28 22.24 -22.79
CA GLU A 384 10.62 20.85 -22.47
C GLU A 384 12.08 20.71 -22.10
N THR A 385 12.90 21.20 -23.03
CA THR A 385 14.34 21.08 -22.97
C THR A 385 14.88 21.67 -21.69
N LYS A 386 14.64 22.96 -21.51
CA LYS A 386 15.36 23.73 -20.53
C LYS A 386 14.79 23.53 -19.13
N LEU A 387 13.47 23.37 -19.02
CA LEU A 387 12.87 23.18 -17.70
C LEU A 387 13.35 21.87 -17.08
N GLN A 388 13.48 20.81 -17.89
CA GLN A 388 14.01 19.56 -17.34
C GLN A 388 15.48 19.69 -16.98
N ALA A 389 16.25 20.46 -17.75
CA ALA A 389 17.63 20.73 -17.37
C ALA A 389 17.72 21.43 -16.02
N ILE A 390 16.79 22.35 -15.74
CA ILE A 390 16.85 23.11 -14.50
C ILE A 390 16.50 22.23 -13.31
N LEU A 391 15.59 21.28 -13.49
CA LEU A 391 15.27 20.35 -12.41
C LEU A 391 16.46 19.49 -12.02
N GLU A 392 17.40 19.27 -12.94
CA GLU A 392 18.50 18.38 -12.61
C GLU A 392 19.61 19.11 -11.87
N ASP A 393 19.89 20.36 -12.26
CA ASP A 393 20.84 21.12 -11.46
C ASP A 393 20.30 21.43 -10.08
N ILE A 394 18.98 21.51 -9.93
CA ILE A 394 18.42 21.68 -8.59
C ILE A 394 18.79 20.48 -7.72
N GLN A 395 18.66 19.26 -8.28
CA GLN A 395 18.97 18.08 -7.50
C GLN A 395 20.46 18.02 -7.17
N VAL A 396 21.33 18.12 -8.18
CA VAL A 396 22.77 18.03 -7.91
C VAL A 396 23.21 19.12 -6.96
N THR A 397 22.58 20.30 -7.00
CA THR A 397 22.92 21.34 -6.04
C THR A 397 22.61 20.88 -4.62
N LEU A 398 21.39 20.40 -4.40
CA LEU A 398 20.98 20.04 -3.05
C LEU A 398 21.76 18.84 -2.53
N PHE A 399 22.22 17.96 -3.42
CA PHE A 399 23.13 16.91 -2.99
C PHE A 399 24.49 17.51 -2.60
N THR A 400 25.07 18.29 -3.52
CA THR A 400 26.35 18.96 -3.28
C THR A 400 26.35 19.73 -1.97
N ARG A 401 25.39 20.64 -1.77
CA ARG A 401 25.43 21.50 -0.60
C ARG A 401 25.26 20.70 0.69
N ALA A 402 24.39 19.69 0.69
CA ALA A 402 24.26 18.85 1.87
C ALA A 402 25.49 17.96 2.02
N SER A 403 26.08 17.53 0.90
CA SER A 403 27.37 16.86 0.93
C SER A 403 28.43 17.73 1.58
N GLU A 404 28.47 19.03 1.22
CA GLU A 404 29.49 19.89 1.81
C GLU A 404 29.31 19.99 3.32
N ASP A 405 28.07 19.87 3.81
CA ASP A 405 27.87 20.00 5.24
C ASP A 405 28.30 18.73 5.98
N LEU A 406 28.01 17.57 5.40
CA LEU A 406 28.49 16.33 6.01
C LEU A 406 30.00 16.25 5.94
N LYS A 407 30.57 16.69 4.81
CA LYS A 407 32.01 16.68 4.65
C LYS A 407 32.68 17.54 5.71
N THR A 408 32.21 18.78 5.89
CA THR A 408 32.73 19.63 6.95
C THR A 408 32.49 19.06 8.34
N HIS A 409 31.33 18.45 8.58
CA HIS A 409 30.89 18.18 9.95
C HIS A 409 31.27 16.77 10.44
N MET A 410 32.00 16.00 9.64
CA MET A 410 32.53 14.70 10.06
C MET A 410 34.05 14.73 10.04
N VAL A 411 34.68 14.55 11.20
CA VAL A 411 36.13 14.64 11.32
C VAL A 411 36.63 13.51 12.23
N VAL A 412 37.95 13.35 12.27
CA VAL A 412 38.62 12.31 13.05
C VAL A 412 39.12 12.90 14.36
N ALA A 413 38.90 12.19 15.46
CA ALA A 413 39.57 12.46 16.73
C ALA A 413 40.30 11.22 17.22
N ASN A 414 41.47 11.44 17.83
CA ASN A 414 42.34 10.36 18.30
C ASN A 414 42.47 10.30 19.82
N THR A 415 42.15 11.38 20.53
CA THR A 415 42.18 11.37 21.98
C THR A 415 40.77 11.66 22.50
N MET A 416 40.61 11.57 23.82
CA MET A 416 39.27 11.68 24.37
C MET A 416 38.89 13.12 24.70
N GLU A 417 39.86 13.93 25.15
CA GLU A 417 39.59 15.33 25.43
C GLU A 417 39.18 16.09 24.18
N ASP A 418 39.68 15.67 23.02
CA ASP A 418 39.38 16.40 21.80
C ASP A 418 38.36 15.69 20.93
N PHE A 419 38.06 14.43 21.23
CA PHE A 419 36.78 13.87 20.81
C PHE A 419 35.65 14.60 21.51
N GLN A 420 35.82 14.91 22.80
CA GLN A 420 34.83 15.68 23.53
C GLN A 420 34.83 17.15 23.11
N LYS A 421 36.01 17.71 22.81
CA LYS A 421 36.07 19.10 22.37
C LYS A 421 35.28 19.32 21.09
N ILE A 422 35.50 18.46 20.09
CA ILE A 422 34.81 18.62 18.82
C ILE A 422 33.40 18.04 18.82
N LEU A 423 33.04 17.17 19.78
CA LEU A 423 31.66 16.67 19.78
C LEU A 423 30.70 17.68 20.37
N ASP A 424 31.16 18.56 21.25
CA ASP A 424 30.29 19.57 21.80
C ASP A 424 30.28 20.82 20.92
N SER A 425 30.94 20.73 19.76
CA SER A 425 30.78 21.64 18.65
C SER A 425 29.68 21.19 17.69
N GLY A 426 28.90 20.18 18.07
CA GLY A 426 27.78 19.71 17.26
C GLY A 426 28.21 18.96 16.02
N LYS A 427 29.30 18.20 16.11
CA LYS A 427 29.79 17.42 14.98
C LYS A 427 29.94 15.96 15.37
N ILE A 428 29.87 15.09 14.38
CA ILE A 428 30.04 13.66 14.59
C ILE A 428 31.47 13.32 14.22
N VAL A 429 32.00 12.29 14.86
CA VAL A 429 33.44 12.09 14.92
C VAL A 429 33.73 10.60 14.95
N GLN A 430 34.76 10.19 14.22
CA GLN A 430 35.20 8.80 14.23
C GLN A 430 36.37 8.66 15.19
N ILE A 431 36.32 7.65 16.04
CA ILE A 431 37.35 7.41 17.06
C ILE A 431 37.87 5.98 16.96
N PRO A 432 39.14 5.76 17.29
CA PRO A 432 39.60 4.39 17.56
C PRO A 432 38.80 3.80 18.71
N PHE A 433 38.22 2.62 18.50
CA PHE A 433 37.28 2.09 19.47
C PHE A 433 37.49 0.61 19.74
N CYS A 434 37.50 0.26 21.04
CA CYS A 434 37.59 -1.13 21.48
C CYS A 434 36.57 -2.01 20.78
N GLY A 435 35.31 -1.59 20.77
CA GLY A 435 34.23 -2.45 20.32
C GLY A 435 33.47 -3.16 21.42
N GLU A 436 33.94 -3.14 22.65
CA GLU A 436 33.23 -3.86 23.70
C GLU A 436 32.22 -2.94 24.38
N ILE A 437 31.23 -3.57 25.01
CA ILE A 437 30.00 -2.86 25.37
C ILE A 437 30.24 -1.90 26.52
N ASP A 438 31.07 -2.28 27.48
CA ASP A 438 31.19 -1.50 28.70
C ASP A 438 32.02 -0.26 28.46
N CYS A 439 33.00 -0.39 27.57
CA CYS A 439 33.76 0.74 27.08
C CYS A 439 32.88 1.78 26.40
N GLU A 440 31.70 1.37 25.96
CA GLU A 440 30.80 2.17 25.15
C GLU A 440 29.70 2.83 25.97
N ASP A 441 29.08 2.08 26.89
CA ASP A 441 28.22 2.69 27.89
C ASP A 441 28.95 3.80 28.65
N TRP A 442 30.27 3.67 28.76
CA TRP A 442 31.08 4.66 29.47
C TRP A 442 31.28 5.92 28.64
N ILE A 443 31.65 5.76 27.37
CA ILE A 443 31.85 6.92 26.49
C ILE A 443 30.61 7.81 26.49
N LYS A 444 29.42 7.23 26.54
CA LYS A 444 28.23 8.07 26.49
C LYS A 444 27.96 8.72 27.83
N LYS A 445 28.38 8.08 28.92
CA LYS A 445 28.32 8.74 30.22
C LYS A 445 29.30 9.90 30.32
N THR A 446 30.54 9.67 29.93
CA THR A 446 31.57 10.66 30.14
C THR A 446 31.45 11.80 29.13
N THR A 447 30.49 11.70 28.22
CA THR A 447 30.24 12.78 27.28
C THR A 447 29.02 13.60 27.67
N ALA A 448 28.25 13.15 28.65
CA ALA A 448 27.31 14.03 29.34
C ALA A 448 28.02 14.91 30.37
N ARG A 449 28.79 14.29 31.28
CA ARG A 449 29.49 14.99 32.36
C ARG A 449 30.42 16.08 31.82
N MET A 460 22.57 15.01 26.96
CA MET A 460 22.62 13.71 26.31
C MET A 460 24.07 13.23 26.26
N GLY A 461 24.30 12.06 25.65
CA GLY A 461 25.65 11.59 25.42
C GLY A 461 25.81 11.08 23.99
N ALA A 462 27.07 10.89 23.61
CA ALA A 462 27.40 10.37 22.30
C ALA A 462 27.30 8.85 22.29
N LYS A 463 26.53 8.30 21.36
CA LYS A 463 26.41 6.86 21.17
C LYS A 463 27.05 6.43 19.85
N SER A 464 27.24 5.12 19.70
CA SER A 464 27.78 4.58 18.47
C SER A 464 26.79 4.78 17.34
N LEU A 465 27.19 5.54 16.33
CA LEU A 465 26.38 5.58 15.13
C LEU A 465 26.67 4.36 14.25
N CYS A 466 27.91 4.21 13.81
CA CYS A 466 28.30 2.98 13.13
C CYS A 466 29.81 2.89 13.00
N ILE A 467 30.25 1.76 12.45
CA ILE A 467 31.62 1.52 12.02
C ILE A 467 31.64 1.64 10.50
N PRO A 468 32.20 2.70 9.94
CA PRO A 468 32.10 2.88 8.48
C PRO A 468 32.91 1.83 7.74
N PHE A 469 32.27 1.20 6.74
CA PHE A 469 32.99 0.36 5.78
C PHE A 469 34.24 1.07 5.28
N LYS A 470 34.13 2.38 5.05
CA LYS A 470 35.20 3.21 4.50
C LYS A 470 35.52 4.31 5.51
N PRO A 471 36.18 3.98 6.62
CA PRO A 471 36.48 5.01 7.62
C PRO A 471 37.35 6.09 7.02
N LEU A 472 37.52 7.17 7.78
CA LEU A 472 38.19 8.32 7.21
C LEU A 472 39.71 8.16 7.18
N CYS A 473 40.28 7.40 8.10
CA CYS A 473 41.70 7.10 8.07
C CYS A 473 41.94 5.65 8.49
N GLU A 474 42.98 5.06 7.92
CA GLU A 474 43.38 3.71 8.33
C GLU A 474 43.75 3.70 9.80
N LEU A 475 43.23 2.72 10.53
CA LEU A 475 43.67 2.51 11.90
C LEU A 475 45.01 1.78 11.88
N GLN A 476 46.01 2.39 12.49
CA GLN A 476 47.38 1.88 12.49
C GLN A 476 47.53 0.73 13.47
N PRO A 477 48.53 -0.13 13.28
CA PRO A 477 48.72 -1.24 14.21
C PRO A 477 49.00 -0.77 15.63
N GLY A 478 48.40 -1.47 16.59
CA GLY A 478 48.62 -1.27 18.01
C GLY A 478 47.97 -0.05 18.67
N ALA A 479 47.22 0.77 17.95
CA ALA A 479 46.55 1.92 18.58
C ALA A 479 45.49 1.45 19.59
N LYS A 480 45.34 2.16 20.71
CA LYS A 480 44.28 1.77 21.65
C LYS A 480 43.14 2.78 21.66
N CYS A 481 41.91 2.31 21.97
CA CYS A 481 40.79 3.23 22.16
C CYS A 481 40.72 4.25 23.31
N VAL A 482 40.58 3.75 24.55
CA VAL A 482 40.71 4.52 25.79
C VAL A 482 41.78 3.93 26.70
N CYS A 483 41.74 2.60 26.81
CA CYS A 483 42.52 1.74 27.68
C CYS A 483 43.98 1.79 27.28
N ASN A 486 42.76 -2.53 26.44
CA ASN A 486 42.61 -3.16 25.13
C ASN A 486 42.85 -2.16 24.01
N PRO A 487 43.29 -2.67 22.85
CA PRO A 487 43.58 -1.79 21.72
C PRO A 487 42.35 -1.53 20.88
N ALA A 488 42.45 -0.71 19.85
CA ALA A 488 41.29 -0.31 19.07
C ALA A 488 41.06 -1.30 17.94
N LYS A 489 39.81 -1.76 17.81
CA LYS A 489 39.47 -2.73 16.79
C LYS A 489 39.11 -2.12 15.44
N TYR A 490 38.71 -0.84 15.43
CA TYR A 490 38.27 -0.20 14.19
C TYR A 490 37.98 1.27 14.50
N TYR A 491 37.93 2.09 13.45
CA TYR A 491 37.41 3.45 13.58
C TYR A 491 35.89 3.41 13.53
N THR A 492 35.23 3.93 14.56
CA THR A 492 33.78 3.99 14.63
C THR A 492 33.29 5.42 14.72
N LEU A 493 32.16 5.64 14.09
CA LEU A 493 31.53 6.96 14.07
C LEU A 493 30.65 7.11 15.31
N PHE A 494 30.95 8.13 16.11
CA PHE A 494 30.27 8.40 17.37
C PHE A 494 29.60 9.76 17.28
N GLY A 495 28.53 9.93 18.05
CA GLY A 495 27.85 11.21 18.07
C GLY A 495 26.47 11.17 18.69
N ARG A 496 25.97 12.36 19.05
CA ARG A 496 24.62 12.49 19.56
C ARG A 496 23.62 12.12 18.46
N SER A 497 22.48 11.56 18.86
CA SER A 497 21.58 11.04 17.84
C SER A 497 20.15 10.97 18.35
N TYR A 498 19.22 11.11 17.40
CA TYR A 498 17.81 10.81 17.62
C TYR A 498 17.64 9.34 17.97
N GLY B 1 -2.50 -31.73 -7.44
CA GLY B 1 -3.62 -32.64 -7.48
C GLY B 1 -4.68 -32.25 -6.46
N LEU B 2 -5.90 -31.97 -6.88
CA LEU B 2 -6.85 -31.33 -5.98
C LEU B 2 -7.96 -32.28 -5.55
N GLU B 3 -8.25 -32.29 -4.24
CA GLU B 3 -9.31 -33.13 -3.65
C GLU B 3 -10.80 -32.96 -3.97
N ALA B 4 -11.37 -31.83 -3.55
CA ALA B 4 -12.81 -31.60 -3.67
C ALA B 4 -13.21 -31.39 -5.12
N LYS B 5 -14.45 -31.69 -5.42
CA LYS B 5 -15.06 -31.08 -6.60
C LYS B 5 -16.07 -30.03 -6.16
N LYS B 6 -16.02 -28.86 -6.81
CA LYS B 6 -16.85 -27.71 -6.45
C LYS B 6 -18.31 -28.13 -6.29
N GLU B 7 -18.81 -28.84 -7.30
CA GLU B 7 -20.12 -29.46 -7.27
C GLU B 7 -20.40 -30.14 -5.95
N GLU B 8 -19.47 -31.00 -5.53
CA GLU B 8 -19.60 -31.80 -4.32
C GLU B 8 -19.72 -30.99 -3.04
N ASN B 9 -18.62 -30.28 -2.76
CA ASN B 9 -18.39 -29.73 -1.43
C ASN B 9 -17.74 -28.37 -1.66
N LEU B 10 -18.58 -27.33 -1.70
CA LEU B 10 -18.10 -26.00 -2.07
C LEU B 10 -17.07 -25.47 -1.09
N ALA B 11 -17.36 -25.58 0.22
CA ALA B 11 -16.46 -25.04 1.22
C ALA B 11 -15.08 -25.67 1.10
N ASP B 12 -15.03 -27.00 1.06
CA ASP B 12 -13.73 -27.65 1.00
C ASP B 12 -13.03 -27.35 -0.32
N TRP B 13 -13.76 -27.41 -1.45
CA TRP B 13 -13.15 -27.05 -2.73
C TRP B 13 -12.49 -25.67 -2.66
N TYR B 14 -13.21 -24.71 -2.07
CA TYR B 14 -12.66 -23.36 -2.00
C TYR B 14 -11.45 -23.33 -1.08
N SER B 15 -11.54 -23.98 0.08
CA SER B 15 -10.39 -24.11 0.96
C SER B 15 -9.22 -24.81 0.27
N GLN B 16 -9.48 -25.74 -0.65
CA GLN B 16 -8.38 -26.50 -1.24
C GLN B 16 -7.61 -25.68 -2.27
N VAL B 17 -8.29 -24.88 -3.09
CA VAL B 17 -7.58 -24.24 -4.20
C VAL B 17 -6.86 -22.98 -3.77
N ILE B 18 -7.40 -22.25 -2.79
CA ILE B 18 -6.73 -21.02 -2.37
C ILE B 18 -5.41 -21.33 -1.68
N THR B 19 -5.30 -22.50 -1.04
CA THR B 19 -4.03 -22.89 -0.46
C THR B 19 -3.09 -23.47 -1.51
N LYS B 20 -3.62 -24.30 -2.41
CA LYS B 20 -2.77 -25.04 -3.33
C LYS B 20 -2.44 -24.27 -4.60
N SER B 21 -3.09 -23.13 -4.83
CA SER B 21 -2.58 -22.18 -5.80
C SER B 21 -1.61 -21.20 -5.15
N GLU B 22 -1.40 -21.36 -3.84
CA GLU B 22 -0.44 -20.60 -3.05
C GLU B 22 -0.84 -19.15 -2.92
N MET B 23 -2.16 -18.91 -2.89
CA MET B 23 -2.68 -17.56 -2.73
C MET B 23 -2.66 -17.15 -1.27
N ILE B 24 -3.13 -18.01 -0.37
CA ILE B 24 -3.19 -17.70 1.04
C ILE B 24 -2.59 -18.83 1.86
N GLU B 25 -2.18 -18.48 3.07
CA GLU B 25 -1.75 -19.43 4.08
C GLU B 25 -2.45 -19.11 5.39
N TYR B 26 -2.78 -20.15 6.16
CA TYR B 26 -3.49 -19.93 7.41
C TYR B 26 -2.54 -19.43 8.49
N HIS B 27 -3.13 -19.05 9.63
CA HIS B 27 -2.40 -18.30 10.65
C HIS B 27 -3.05 -18.55 12.01
N ASP B 28 -2.22 -18.50 13.06
CA ASP B 28 -2.66 -18.82 14.42
C ASP B 28 -4.00 -18.16 14.76
N ILE B 29 -4.15 -16.89 14.43
CA ILE B 29 -5.37 -16.16 14.76
C ILE B 29 -6.44 -16.50 13.74
N SER B 30 -7.61 -16.88 14.22
CA SER B 30 -8.70 -17.24 13.33
C SER B 30 -9.17 -16.04 12.52
N GLY B 31 -9.59 -16.30 11.29
CA GLY B 31 -10.05 -15.23 10.43
C GLY B 31 -8.97 -14.32 9.90
N CYS B 32 -7.70 -14.62 10.15
CA CYS B 32 -6.58 -13.89 9.58
C CYS B 32 -5.85 -14.82 8.62
N TYR B 33 -5.44 -14.27 7.47
CA TYR B 33 -4.80 -15.10 6.46
C TYR B 33 -3.68 -14.32 5.80
N ILE B 34 -2.61 -15.05 5.46
CA ILE B 34 -1.47 -14.46 4.79
C ILE B 34 -1.78 -14.43 3.30
N LEU B 35 -1.55 -13.30 2.66
CA LEU B 35 -1.72 -13.19 1.22
C LEU B 35 -0.35 -13.37 0.60
N ARG B 36 -0.14 -14.54 0.02
CA ARG B 36 1.10 -14.82 -0.65
C ARG B 36 1.15 -14.03 -1.96
N PRO B 37 2.34 -13.91 -2.58
CA PRO B 37 2.46 -12.97 -3.70
C PRO B 37 1.49 -13.23 -4.84
N TRP B 38 1.06 -14.48 -5.03
CA TRP B 38 0.13 -14.79 -6.12
C TRP B 38 -1.23 -14.15 -5.89
N ALA B 39 -1.68 -14.04 -4.63
CA ALA B 39 -2.89 -13.29 -4.33
C ALA B 39 -2.62 -11.78 -4.32
N TYR B 40 -1.59 -11.34 -3.57
CA TYR B 40 -1.27 -9.92 -3.51
C TYR B 40 -1.03 -9.34 -4.90
N ALA B 41 -0.59 -10.17 -5.85
CA ALA B 41 -0.39 -9.69 -7.22
C ALA B 41 -1.72 -9.28 -7.84
N ILE B 42 -2.75 -10.09 -7.66
CA ILE B 42 -4.08 -9.74 -8.14
C ILE B 42 -4.52 -8.41 -7.55
N TRP B 43 -4.40 -8.30 -6.22
CA TRP B 43 -4.73 -7.06 -5.52
C TRP B 43 -3.96 -5.87 -6.07
N GLU B 44 -2.65 -6.04 -6.34
CA GLU B 44 -1.89 -4.89 -6.82
C GLU B 44 -2.35 -4.45 -8.19
N ALA B 45 -2.73 -5.40 -9.05
CA ALA B 45 -3.21 -5.04 -10.39
C ALA B 45 -4.49 -4.22 -10.30
N ILE B 46 -5.44 -4.70 -9.50
CA ILE B 46 -6.65 -3.94 -9.18
C ILE B 46 -6.29 -2.52 -8.76
N LYS B 47 -5.32 -2.40 -7.84
CA LYS B 47 -5.01 -1.08 -7.28
C LYS B 47 -4.28 -0.19 -8.28
N ASP B 48 -3.56 -0.77 -9.22
CA ASP B 48 -2.87 0.06 -10.19
C ASP B 48 -3.86 0.67 -11.17
N PHE B 49 -4.95 -0.05 -11.44
CA PHE B 49 -6.03 0.42 -12.30
C PHE B 49 -6.93 1.42 -11.59
N PHE B 50 -7.51 1.01 -10.46
CA PHE B 50 -8.41 1.89 -9.70
C PHE B 50 -7.72 3.21 -9.35
N ASP B 51 -6.43 3.17 -9.04
CA ASP B 51 -5.73 4.40 -8.72
C ASP B 51 -5.64 5.30 -9.93
N ALA B 52 -5.35 4.71 -11.11
CA ALA B 52 -5.30 5.49 -12.34
C ALA B 52 -6.63 6.18 -12.63
N GLU B 53 -7.74 5.48 -12.40
CA GLU B 53 -9.06 6.02 -12.76
C GLU B 53 -9.45 7.16 -11.83
N ILE B 54 -9.41 6.93 -10.51
CA ILE B 54 -9.89 7.93 -9.56
C ILE B 54 -8.95 9.10 -9.45
N LYS B 55 -7.73 8.99 -9.97
CA LYS B 55 -6.85 10.15 -10.04
C LYS B 55 -7.29 11.09 -11.14
N LYS B 56 -7.90 10.55 -12.21
CA LYS B 56 -8.38 11.44 -13.26
C LYS B 56 -9.57 12.27 -12.81
N LEU B 57 -10.29 11.85 -11.77
CA LEU B 57 -11.31 12.69 -11.16
C LEU B 57 -10.83 13.40 -9.89
N GLY B 58 -9.51 13.55 -9.73
CA GLY B 58 -8.95 14.48 -8.76
C GLY B 58 -8.87 14.05 -7.32
N VAL B 59 -9.07 12.77 -7.01
CA VAL B 59 -8.81 12.31 -5.64
C VAL B 59 -7.30 12.20 -5.42
N GLU B 60 -6.90 12.37 -4.17
CA GLU B 60 -5.49 12.29 -3.79
C GLU B 60 -5.31 11.23 -2.70
N ASN B 61 -4.22 10.48 -2.79
CA ASN B 61 -3.93 9.46 -1.79
C ASN B 61 -3.25 10.06 -0.56
N CYS B 62 -3.44 9.38 0.56
CA CYS B 62 -3.10 9.90 1.88
C CYS B 62 -3.06 8.70 2.82
N TYR B 63 -2.74 8.96 4.08
CA TYR B 63 -2.72 7.90 5.07
C TYR B 63 -3.20 8.45 6.38
N PHE B 64 -4.19 7.80 6.97
CA PHE B 64 -4.67 8.26 8.26
C PHE B 64 -4.33 7.23 9.33
N PRO B 65 -4.19 7.68 10.58
CA PRO B 65 -3.95 6.77 11.70
C PRO B 65 -4.90 5.59 11.73
N MET B 66 -4.40 4.48 12.29
CA MET B 66 -5.20 3.27 12.47
C MET B 66 -5.89 3.26 13.82
N PHE B 67 -5.45 4.08 14.76
CA PHE B 67 -6.03 4.10 16.10
C PHE B 67 -7.05 5.22 16.18
N VAL B 68 -8.19 4.92 16.79
CA VAL B 68 -9.26 5.89 16.99
C VAL B 68 -9.53 6.02 18.48
N SER B 69 -9.65 7.25 18.97
CA SER B 69 -9.88 7.43 20.40
C SER B 69 -11.29 6.99 20.76
N GLN B 70 -11.48 6.65 22.03
CA GLN B 70 -12.80 6.40 22.58
C GLN B 70 -13.76 7.55 22.27
N SER B 71 -13.40 8.75 22.75
CA SER B 71 -14.23 9.94 22.58
C SER B 71 -14.73 10.08 21.16
N ALA B 72 -13.83 10.01 20.18
CA ALA B 72 -14.21 10.31 18.80
C ALA B 72 -15.10 9.22 18.20
N LEU B 73 -14.89 7.96 18.58
CA LEU B 73 -15.65 6.88 17.97
C LEU B 73 -17.07 6.88 18.50
N GLU B 74 -17.20 7.12 19.79
CA GLU B 74 -18.48 7.30 20.42
C GLU B 74 -18.88 8.76 20.52
N LYS B 75 -18.21 9.64 19.79
CA LYS B 75 -18.56 11.05 19.83
C LYS B 75 -20.00 11.25 19.40
N GLU B 76 -20.29 10.86 18.16
CA GLU B 76 -21.56 11.18 17.52
CA GLU B 76 -21.56 11.18 17.54
C GLU B 76 -22.18 9.89 17.00
N LYS B 77 -23.27 10.05 16.26
CA LYS B 77 -24.06 8.89 15.84
C LYS B 77 -23.53 8.28 14.55
N THR B 78 -22.25 7.92 14.56
CA THR B 78 -21.55 7.47 13.36
C THR B 78 -22.01 6.05 12.96
N HIS B 79 -22.09 5.16 13.96
CA HIS B 79 -22.54 3.78 14.02
C HIS B 79 -23.72 3.70 14.99
N VAL B 80 -24.14 2.50 15.35
CA VAL B 80 -25.32 2.24 16.17
C VAL B 80 -24.95 1.21 17.20
N ALA B 81 -25.91 0.87 18.04
CA ALA B 81 -25.66 -0.09 19.11
C ALA B 81 -25.20 -1.43 18.57
N ASP B 82 -25.78 -1.90 17.44
CA ASP B 82 -25.25 -3.08 16.78
C ASP B 82 -23.76 -2.94 16.48
N PHE B 83 -23.33 -1.76 16.13
CA PHE B 83 -21.98 -1.76 15.60
C PHE B 83 -21.02 -1.38 16.68
N ALA B 84 -21.34 -1.71 17.96
CA ALA B 84 -20.07 -1.79 18.68
C ALA B 84 -19.77 -3.08 19.48
N PRO B 85 -19.95 -4.32 18.97
CA PRO B 85 -18.99 -5.42 19.26
C PRO B 85 -17.89 -5.69 18.23
N GLU B 86 -17.96 -5.12 17.02
CA GLU B 86 -17.01 -5.59 16.00
C GLU B 86 -15.67 -4.87 16.03
N VAL B 87 -15.50 -4.04 17.05
CA VAL B 87 -14.41 -3.10 17.13
C VAL B 87 -13.39 -3.66 18.10
N ALA B 88 -12.15 -3.78 17.65
CA ALA B 88 -11.07 -4.25 18.48
C ALA B 88 -10.49 -3.09 19.28
N TRP B 89 -10.24 -3.33 20.57
CA TRP B 89 -9.76 -2.29 21.46
C TRP B 89 -8.40 -2.66 22.03
N VAL B 90 -7.44 -1.76 21.88
CA VAL B 90 -6.15 -1.86 22.55
C VAL B 90 -6.30 -1.22 23.92
N THR B 91 -5.93 -1.97 24.97
CA THR B 91 -6.09 -1.52 26.33
C THR B 91 -4.78 -1.33 27.09
N ARG B 92 -3.71 -1.99 26.67
CA ARG B 92 -2.48 -1.98 27.46
C ARG B 92 -1.27 -1.89 26.54
N SER B 93 -0.26 -1.20 27.02
CA SER B 93 1.04 -1.08 26.38
C SER B 93 2.03 -1.85 27.24
N GLY B 94 2.49 -2.99 26.75
CA GLY B 94 3.32 -3.85 27.57
C GLY B 94 2.50 -4.37 28.73
N LYS B 95 2.96 -4.07 29.95
CA LYS B 95 2.21 -4.38 31.17
C LYS B 95 1.66 -3.12 31.82
N THR B 96 1.66 -2.02 31.08
CA THR B 96 1.10 -0.75 31.53
C THR B 96 -0.25 -0.55 30.86
N GLU B 97 -1.33 -0.69 31.64
CA GLU B 97 -2.66 -0.44 31.11
C GLU B 97 -2.79 1.02 30.70
N LEU B 98 -3.28 1.27 29.49
CA LEU B 98 -3.43 2.65 29.02
C LEU B 98 -4.56 3.34 29.76
N ALA B 99 -4.37 4.64 30.01
CA ALA B 99 -5.40 5.49 30.59
C ALA B 99 -6.75 5.31 29.90
N GLU B 100 -6.75 5.30 28.56
CA GLU B 100 -7.97 5.29 27.75
C GLU B 100 -7.85 4.21 26.68
N PRO B 101 -8.82 3.31 26.58
CA PRO B 101 -8.82 2.34 25.47
C PRO B 101 -8.73 3.00 24.10
N ILE B 102 -7.89 2.40 23.25
CA ILE B 102 -7.72 2.80 21.86
C ILE B 102 -8.42 1.76 21.00
N ALA B 103 -9.12 2.19 19.96
CA ALA B 103 -9.85 1.28 19.08
C ALA B 103 -9.15 1.22 17.73
N ILE B 104 -9.15 0.04 17.13
CA ILE B 104 -8.52 -0.17 15.83
C ILE B 104 -9.55 0.12 14.74
N ARG B 105 -9.15 0.90 13.75
CA ARG B 105 -10.00 1.41 12.67
C ARG B 105 -10.86 0.27 12.11
N PRO B 106 -12.19 0.31 12.28
CA PRO B 106 -13.06 -0.53 11.45
C PRO B 106 -13.54 0.15 10.19
N THR B 107 -13.26 1.45 10.10
CA THR B 107 -13.55 2.35 8.99
C THR B 107 -12.93 3.66 9.46
N SER B 108 -12.72 4.64 8.60
CA SER B 108 -11.91 5.78 8.97
C SER B 108 -12.69 7.08 9.14
N GLU B 109 -14.01 7.04 9.01
CA GLU B 109 -14.82 8.26 9.12
C GLU B 109 -14.48 9.04 10.38
N THR B 110 -14.52 8.37 11.53
CA THR B 110 -14.19 8.94 12.83
C THR B 110 -12.73 9.38 12.97
N VAL B 111 -11.84 9.00 12.06
CA VAL B 111 -10.46 9.51 12.09
C VAL B 111 -10.33 10.73 11.21
N MET B 112 -11.01 10.70 10.06
CA MET B 112 -10.86 11.72 9.04
C MET B 112 -11.72 12.96 9.32
N TYR B 113 -12.93 12.77 9.81
CA TYR B 113 -13.85 13.91 9.79
C TYR B 113 -13.48 15.03 10.75
N PRO B 114 -12.95 14.74 11.94
CA PRO B 114 -12.33 15.84 12.72
C PRO B 114 -11.32 16.63 11.91
N ALA B 115 -10.62 15.98 10.99
CA ALA B 115 -9.63 16.68 10.19
C ALA B 115 -10.28 17.55 9.11
N TYR B 116 -11.37 17.07 8.49
CA TYR B 116 -12.05 17.88 7.49
C TYR B 116 -12.55 19.18 8.10
N ALA B 117 -13.00 19.14 9.35
CA ALA B 117 -13.54 20.33 10.02
C ALA B 117 -12.50 21.44 10.12
N LYS B 118 -11.24 21.09 10.32
CA LYS B 118 -10.20 22.11 10.40
C LYS B 118 -9.69 22.50 9.03
N TRP B 119 -9.74 21.58 8.05
CA TRP B 119 -9.29 21.93 6.70
C TRP B 119 -10.30 22.80 5.98
N VAL B 120 -11.57 22.73 6.36
CA VAL B 120 -12.64 23.48 5.71
C VAL B 120 -12.92 24.72 6.55
N GLN B 121 -12.45 25.88 6.07
CA GLN B 121 -12.78 27.16 6.71
C GLN B 121 -13.40 28.15 5.73
N SER B 122 -13.79 27.71 4.54
CA SER B 122 -14.51 28.47 3.52
C SER B 122 -14.81 27.49 2.40
N HIS B 123 -15.65 27.90 1.45
CA HIS B 123 -15.98 27.00 0.35
C HIS B 123 -14.85 26.86 -0.65
N ARG B 124 -13.84 27.73 -0.62
CA ARG B 124 -12.64 27.50 -1.44
C ARG B 124 -11.99 26.17 -1.09
N ASP B 125 -12.04 25.80 0.17
CA ASP B 125 -11.46 24.58 0.69
C ASP B 125 -12.25 23.33 0.28
N LEU B 126 -13.27 23.45 -0.57
CA LEU B 126 -14.05 22.33 -1.06
C LEU B 126 -14.02 22.27 -2.59
N PRO B 127 -14.06 21.06 -3.19
CA PRO B 127 -14.16 19.74 -2.53
C PRO B 127 -12.88 19.29 -1.84
N ILE B 128 -13.05 18.31 -0.94
CA ILE B 128 -11.97 17.49 -0.43
C ILE B 128 -12.23 16.07 -0.89
N LYS B 129 -11.29 15.49 -1.63
CA LYS B 129 -11.40 14.11 -2.12
C LYS B 129 -10.15 13.33 -1.71
N LEU B 130 -10.27 12.43 -0.74
CA LEU B 130 -9.14 11.64 -0.26
C LEU B 130 -9.43 10.16 -0.36
N ASN B 131 -8.41 9.40 -0.74
CA ASN B 131 -8.45 7.95 -0.80
C ASN B 131 -7.29 7.38 0.00
N GLN B 132 -7.52 6.26 0.66
CA GLN B 132 -6.40 5.60 1.30
C GLN B 132 -6.54 4.09 1.15
N TRP B 133 -5.41 3.44 0.87
CA TRP B 133 -5.31 1.99 0.91
C TRP B 133 -4.74 1.63 2.26
N CYS B 134 -5.33 0.63 2.89
CA CYS B 134 -5.06 0.41 4.31
C CYS B 134 -5.70 -0.90 4.72
N ASN B 135 -5.49 -1.26 5.97
CA ASN B 135 -6.00 -2.48 6.55
C ASN B 135 -7.11 -2.12 7.52
N VAL B 136 -8.08 -3.02 7.65
CA VAL B 136 -9.25 -2.76 8.47
C VAL B 136 -9.56 -4.01 9.29
N VAL B 137 -9.84 -3.78 10.57
CA VAL B 137 -10.16 -4.86 11.51
C VAL B 137 -11.65 -4.80 11.83
N ARG B 138 -12.31 -5.96 11.70
CA ARG B 138 -13.68 -6.16 12.18
C ARG B 138 -13.80 -7.58 12.72
N TRP B 139 -13.84 -7.69 14.05
CA TRP B 139 -13.88 -8.96 14.78
C TRP B 139 -15.30 -9.51 14.68
N GLU B 140 -15.68 -10.03 13.53
CA GLU B 140 -17.08 -10.07 13.11
C GLU B 140 -17.79 -11.37 13.53
N PHE B 141 -18.98 -11.53 12.95
CA PHE B 141 -20.24 -11.98 13.53
C PHE B 141 -20.62 -13.42 13.15
N LYS B 142 -19.69 -14.21 12.58
CA LYS B 142 -19.92 -15.61 12.20
C LYS B 142 -18.61 -16.21 11.68
N HIS B 143 -18.56 -17.54 11.38
CA HIS B 143 -17.27 -18.19 11.14
C HIS B 143 -16.73 -17.88 9.73
N PRO B 144 -15.43 -17.62 9.64
CA PRO B 144 -14.84 -16.95 8.46
C PRO B 144 -14.35 -17.86 7.34
N GLN B 145 -14.17 -17.23 6.17
CA GLN B 145 -13.43 -17.72 5.01
C GLN B 145 -12.34 -16.74 4.61
N PRO B 146 -11.25 -17.23 4.02
CA PRO B 146 -10.34 -16.32 3.31
C PRO B 146 -11.09 -15.51 2.27
N PHE B 147 -10.75 -14.23 2.19
CA PHE B 147 -11.26 -13.28 1.22
C PHE B 147 -12.71 -12.90 1.47
N LEU B 148 -13.61 -13.86 1.29
CA LEU B 148 -15.04 -13.56 1.26
C LEU B 148 -15.50 -12.91 2.57
N ARG B 149 -15.10 -13.46 3.71
CA ARG B 149 -15.24 -12.68 4.94
C ARG B 149 -14.15 -13.03 5.93
N THR B 150 -13.30 -12.06 6.20
CA THR B 150 -12.16 -12.19 7.10
C THR B 150 -12.35 -11.25 8.28
N ARG B 151 -11.34 -11.23 9.16
CA ARG B 151 -11.36 -10.34 10.32
C ARG B 151 -10.40 -9.17 10.24
N GLU B 152 -9.34 -9.28 9.46
CA GLU B 152 -8.62 -8.12 8.94
C GLU B 152 -8.65 -8.24 7.44
N PHE B 153 -8.83 -7.12 6.75
CA PHE B 153 -8.74 -7.15 5.30
C PHE B 153 -8.08 -5.88 4.81
N LEU B 154 -7.77 -5.88 3.52
CA LEU B 154 -7.27 -4.70 2.84
C LEU B 154 -8.39 -4.12 1.97
N TRP B 155 -8.38 -2.80 1.86
CA TRP B 155 -9.37 -2.12 1.03
C TRP B 155 -8.79 -0.79 0.60
N GLN B 156 -9.53 -0.08 -0.24
CA GLN B 156 -9.37 1.35 -0.37
C GLN B 156 -10.59 2.05 0.21
N GLU B 157 -10.36 3.20 0.81
CA GLU B 157 -11.40 4.04 1.41
C GLU B 157 -11.36 5.39 0.72
N GLY B 158 -12.44 5.75 0.03
CA GLY B 158 -12.58 7.08 -0.53
C GLY B 158 -13.53 7.92 0.31
N HIS B 159 -13.12 9.16 0.59
CA HIS B 159 -13.93 10.10 1.35
C HIS B 159 -13.91 11.46 0.69
N SER B 160 -15.07 11.93 0.23
CA SER B 160 -15.16 13.22 -0.45
C SER B 160 -16.22 14.12 0.18
N ALA B 161 -15.89 15.41 0.31
CA ALA B 161 -16.75 16.43 0.92
C ALA B 161 -16.98 17.56 -0.08
N PHE B 162 -18.25 17.96 -0.26
CA PHE B 162 -18.62 18.89 -1.31
C PHE B 162 -19.46 20.05 -0.78
N ALA B 163 -19.45 21.15 -1.54
CA ALA B 163 -20.25 22.33 -1.22
C ALA B 163 -21.70 22.16 -1.63
N THR B 164 -21.98 21.56 -2.79
CA THR B 164 -23.35 21.37 -3.26
C THR B 164 -23.70 19.90 -3.38
N MET B 165 -24.96 19.58 -3.08
CA MET B 165 -25.46 18.22 -3.21
C MET B 165 -25.31 17.69 -4.63
N GLU B 166 -25.46 18.53 -5.66
CA GLU B 166 -25.38 18.02 -7.02
C GLU B 166 -24.06 17.32 -7.28
N GLU B 167 -22.95 17.95 -6.89
CA GLU B 167 -21.63 17.40 -7.20
C GLU B 167 -21.39 16.09 -6.45
N ALA B 168 -21.72 16.06 -5.16
CA ALA B 168 -21.59 14.83 -4.36
C ALA B 168 -22.37 13.69 -5.01
N ALA B 169 -23.66 13.89 -5.26
CA ALA B 169 -24.49 12.84 -5.84
C ALA B 169 -23.96 12.38 -7.18
N GLU B 170 -23.27 13.26 -7.91
CA GLU B 170 -22.60 12.85 -9.14
C GLU B 170 -21.50 11.84 -8.86
N GLU B 171 -20.67 12.10 -7.83
CA GLU B 171 -19.50 11.26 -7.62
C GLU B 171 -19.89 9.87 -7.11
N VAL B 172 -21.04 9.71 -6.46
CA VAL B 172 -21.43 8.40 -5.95
C VAL B 172 -21.61 7.41 -7.10
N LEU B 173 -22.14 7.87 -8.23
CA LEU B 173 -22.36 6.93 -9.32
C LEU B 173 -21.15 6.81 -10.25
N GLN B 174 -20.33 7.86 -10.34
CA GLN B 174 -19.04 7.73 -11.01
C GLN B 174 -18.23 6.61 -10.39
N ILE B 175 -18.05 6.68 -9.07
CA ILE B 175 -17.30 5.67 -8.32
C ILE B 175 -17.86 4.28 -8.56
N LEU B 176 -19.19 4.13 -8.52
CA LEU B 176 -19.77 2.81 -8.64
C LEU B 176 -19.52 2.19 -10.00
N ASP B 177 -19.52 3.01 -11.06
CA ASP B 177 -19.23 2.46 -12.38
C ASP B 177 -17.78 2.02 -12.47
N LEU B 178 -16.88 2.65 -11.72
CA LEU B 178 -15.50 2.16 -11.64
C LEU B 178 -15.45 0.79 -10.98
N TYR B 179 -16.11 0.64 -9.82
CA TYR B 179 -16.21 -0.67 -9.18
C TYR B 179 -16.73 -1.71 -10.17
N ALA B 180 -17.82 -1.39 -10.87
CA ALA B 180 -18.32 -2.28 -11.90
C ALA B 180 -17.25 -2.57 -12.94
N GLN B 181 -16.47 -1.54 -13.30
CA GLN B 181 -15.39 -1.73 -14.25
C GLN B 181 -14.39 -2.79 -13.77
N VAL B 182 -13.89 -2.64 -12.54
CA VAL B 182 -12.92 -3.62 -12.02
C VAL B 182 -13.51 -5.03 -12.04
N TYR B 183 -14.76 -5.16 -11.59
CA TYR B 183 -15.38 -6.48 -11.55
C TYR B 183 -15.61 -7.05 -12.93
N GLU B 184 -15.81 -6.20 -13.92
CA GLU B 184 -16.35 -6.63 -15.19
C GLU B 184 -15.32 -6.59 -16.30
N GLU B 185 -14.54 -5.50 -16.34
CA GLU B 185 -13.49 -5.30 -17.33
C GLU B 185 -12.17 -5.95 -16.93
N LEU B 186 -11.85 -5.93 -15.63
CA LEU B 186 -10.63 -6.52 -15.10
C LEU B 186 -10.83 -7.99 -14.71
N LEU B 187 -11.85 -8.26 -13.91
CA LEU B 187 -12.07 -9.57 -13.30
C LEU B 187 -12.94 -10.50 -14.13
N ALA B 188 -13.62 -9.98 -15.15
CA ALA B 188 -14.54 -10.75 -15.97
C ALA B 188 -15.68 -11.37 -15.15
N ILE B 189 -16.13 -10.69 -14.11
CA ILE B 189 -17.36 -11.05 -13.41
C ILE B 189 -18.41 -10.00 -13.73
N PRO B 190 -19.56 -10.39 -14.29
CA PRO B 190 -20.62 -9.41 -14.54
C PRO B 190 -21.37 -9.10 -13.25
N VAL B 191 -21.80 -7.84 -13.11
CA VAL B 191 -22.38 -7.37 -11.87
C VAL B 191 -23.69 -6.65 -12.15
N VAL B 192 -24.48 -6.48 -11.11
CA VAL B 192 -25.73 -5.73 -11.14
C VAL B 192 -25.61 -4.56 -10.16
N LYS B 193 -25.88 -3.35 -10.65
CA LYS B 193 -25.84 -2.18 -9.79
C LYS B 193 -27.15 -2.03 -9.03
N GLY B 194 -27.10 -1.32 -7.90
CA GLY B 194 -28.30 -1.22 -7.08
C GLY B 194 -28.19 -0.22 -5.96
N ARG B 195 -29.32 -0.05 -5.26
CA ARG B 195 -29.43 0.70 -4.03
C ARG B 195 -29.89 -0.25 -2.94
N LYS B 196 -29.44 -0.01 -1.72
CA LYS B 196 -29.86 -0.84 -0.61
C LYS B 196 -31.29 -0.49 -0.22
N THR B 197 -31.93 -1.38 0.53
CA THR B 197 -33.18 -1.05 1.17
C THR B 197 -32.89 -0.35 2.50
N GLU B 198 -33.95 -0.01 3.24
CA GLU B 198 -33.76 0.77 4.46
C GLU B 198 -33.07 -0.04 5.55
N LYS B 199 -33.29 -1.36 5.56
CA LYS B 199 -32.59 -2.21 6.52
C LYS B 199 -31.10 -2.27 6.20
N GLU B 200 -30.76 -2.39 4.91
CA GLU B 200 -29.44 -2.84 4.50
C GLU B 200 -28.49 -1.72 4.10
N LYS B 201 -28.95 -0.48 4.03
CA LYS B 201 -28.03 0.57 3.67
C LYS B 201 -27.35 1.08 4.93
N PHE B 202 -26.26 1.82 4.73
CA PHE B 202 -25.45 2.24 5.86
C PHE B 202 -26.25 3.27 6.66
N ALA B 203 -26.60 2.87 7.89
CA ALA B 203 -27.51 3.65 8.71
C ALA B 203 -27.04 5.10 8.86
N GLY B 204 -25.73 5.32 8.92
CA GLY B 204 -25.25 6.68 9.07
C GLY B 204 -25.28 7.50 7.80
N GLY B 205 -25.85 6.97 6.73
CA GLY B 205 -25.93 7.69 5.47
C GLY B 205 -27.34 7.95 5.01
N ASP B 206 -27.50 8.52 3.81
CA ASP B 206 -28.82 8.79 3.27
C ASP B 206 -29.22 7.78 2.20
N TYR B 207 -28.33 7.46 1.25
CA TYR B 207 -28.55 6.27 0.45
C TYR B 207 -27.20 5.65 0.12
N THR B 208 -27.19 4.33 -0.05
CA THR B 208 -25.94 3.62 -0.32
C THR B 208 -26.12 2.68 -1.49
N THR B 209 -25.18 2.78 -2.41
CA THR B 209 -25.15 2.15 -3.72
C THR B 209 -24.25 0.92 -3.69
N THR B 210 -24.45 0.00 -4.64
CA THR B 210 -23.81 -1.31 -4.53
C THR B 210 -23.76 -2.02 -5.88
N ILE B 211 -22.76 -2.89 -6.02
CA ILE B 211 -22.65 -3.83 -7.12
C ILE B 211 -22.71 -5.23 -6.51
N GLU B 212 -23.41 -6.14 -7.19
CA GLU B 212 -23.56 -7.52 -6.71
C GLU B 212 -23.22 -8.48 -7.84
N ALA B 213 -22.35 -9.43 -7.55
CA ALA B 213 -21.99 -10.51 -8.46
C ALA B 213 -22.69 -11.78 -7.99
N PHE B 214 -22.78 -12.78 -8.86
CA PHE B 214 -23.48 -13.99 -8.51
C PHE B 214 -22.58 -15.22 -8.70
N ILE B 215 -22.45 -15.99 -7.62
CA ILE B 215 -21.74 -17.28 -7.65
C ILE B 215 -22.80 -18.37 -7.70
N SER B 216 -22.80 -19.12 -8.80
CA SER B 216 -23.83 -20.14 -9.01
C SER B 216 -23.67 -21.34 -8.08
N ALA B 217 -22.42 -21.80 -7.90
CA ALA B 217 -22.18 -23.10 -7.27
C ALA B 217 -22.87 -23.21 -5.90
N SER B 218 -22.78 -22.16 -5.09
CA SER B 218 -23.59 -22.11 -3.89
C SER B 218 -25.00 -21.60 -4.17
N GLY B 219 -25.16 -20.82 -5.23
CA GLY B 219 -26.42 -20.16 -5.53
C GLY B 219 -26.55 -18.77 -4.95
N ARG B 220 -25.48 -18.20 -4.42
CA ARG B 220 -25.55 -16.91 -3.72
C ARG B 220 -24.85 -15.79 -4.48
N ALA B 221 -25.38 -14.59 -4.30
CA ALA B 221 -24.74 -13.36 -4.73
C ALA B 221 -23.89 -12.77 -3.60
N ILE B 222 -23.04 -11.82 -3.97
CA ILE B 222 -22.11 -11.22 -3.01
C ILE B 222 -22.00 -9.72 -3.28
N GLN B 223 -21.83 -8.95 -2.21
CA GLN B 223 -21.69 -7.51 -2.34
C GLN B 223 -20.24 -7.20 -2.66
N GLY B 224 -20.01 -6.56 -3.80
CA GLY B 224 -18.67 -6.50 -4.33
C GLY B 224 -18.08 -5.11 -4.27
N GLY B 225 -18.82 -4.15 -3.73
CA GLY B 225 -18.38 -2.78 -3.81
C GLY B 225 -19.49 -1.84 -3.41
N THR B 226 -19.09 -0.66 -2.95
CA THR B 226 -19.95 0.13 -2.08
C THR B 226 -19.70 1.62 -2.27
N SER B 227 -20.77 2.40 -2.50
CA SER B 227 -20.65 3.85 -2.66
C SER B 227 -21.84 4.51 -1.97
N HIS B 228 -21.58 5.24 -0.89
CA HIS B 228 -22.60 5.90 -0.09
C HIS B 228 -22.66 7.37 -0.39
N HIS B 229 -23.88 7.90 -0.47
CA HIS B 229 -24.08 9.34 -0.28
C HIS B 229 -24.49 9.59 1.17
N LEU B 230 -23.69 10.41 1.86
CA LEU B 230 -23.87 10.63 3.29
C LEU B 230 -24.66 11.88 3.60
N GLY B 231 -25.03 12.67 2.59
CA GLY B 231 -25.74 13.91 2.84
C GLY B 231 -24.94 14.85 3.73
N GLN B 232 -25.61 15.38 4.75
CA GLN B 232 -24.99 16.25 5.75
C GLN B 232 -25.06 15.59 7.13
N ASN B 233 -25.26 14.27 7.14
CA ASN B 233 -25.29 13.51 8.39
C ASN B 233 -24.03 13.73 9.20
N PHE B 234 -22.85 13.57 8.57
CA PHE B 234 -21.61 13.64 9.33
C PHE B 234 -21.09 15.06 9.49
N SER B 235 -21.21 15.88 8.44
CA SER B 235 -20.85 17.29 8.58
C SER B 235 -21.57 17.91 9.76
N LYS B 236 -22.82 17.53 10.00
CA LYS B 236 -23.56 18.11 11.11
C LYS B 236 -23.05 17.60 12.45
N MET B 237 -22.49 16.38 12.49
CA MET B 237 -21.96 15.84 13.73
C MET B 237 -20.55 16.31 14.00
N PHE B 238 -19.69 16.27 12.98
CA PHE B 238 -18.29 16.65 13.11
C PHE B 238 -18.08 18.09 12.71
N GLU B 239 -19.16 18.77 12.37
CA GLU B 239 -19.17 20.23 12.28
C GLU B 239 -18.23 20.71 11.17
N ILE B 240 -18.39 20.13 9.99
CA ILE B 240 -17.66 20.56 8.79
C ILE B 240 -18.53 21.62 8.14
N VAL B 241 -18.22 22.87 8.45
CA VAL B 241 -19.07 24.00 8.13
C VAL B 241 -18.26 24.97 7.30
N PHE B 242 -18.91 25.66 6.38
CA PHE B 242 -18.28 26.78 5.70
C PHE B 242 -19.24 27.95 5.69
N GLU B 243 -18.67 29.14 5.52
CA GLU B 243 -19.49 30.33 5.41
C GLU B 243 -20.04 30.43 4.00
N ASP B 244 -21.32 30.78 3.91
CA ASP B 244 -22.02 30.93 2.65
C ASP B 244 -21.52 32.19 1.94
N PRO B 245 -21.24 32.15 0.64
CA PRO B 245 -20.75 33.37 -0.04
C PRO B 245 -21.79 34.46 -0.20
N LYS B 246 -23.09 34.15 -0.23
CA LYS B 246 -24.10 35.19 -0.45
C LYS B 246 -24.80 35.66 0.82
N ILE B 247 -25.00 34.80 1.81
CA ILE B 247 -25.78 35.12 3.00
C ILE B 247 -24.88 35.43 4.20
N PRO B 248 -24.64 36.70 4.53
CA PRO B 248 -23.64 37.03 5.58
C PRO B 248 -23.91 36.37 6.93
N GLY B 249 -22.95 35.56 7.34
CA GLY B 249 -22.88 34.98 8.68
C GLY B 249 -23.72 33.74 8.89
N GLU B 250 -23.89 32.91 7.86
CA GLU B 250 -24.66 31.68 7.95
C GLU B 250 -23.79 30.50 7.53
N LYS B 251 -23.73 29.47 8.36
CA LYS B 251 -23.01 28.25 8.05
C LYS B 251 -23.78 27.37 7.07
N GLN B 252 -23.07 26.84 6.08
CA GLN B 252 -23.51 25.69 5.31
C GLN B 252 -22.69 24.48 5.76
N PHE B 253 -23.36 23.36 6.03
CA PHE B 253 -22.68 22.12 6.36
C PHE B 253 -22.34 21.39 5.08
N ALA B 254 -21.20 20.69 5.07
CA ALA B 254 -20.71 20.07 3.84
C ALA B 254 -21.52 18.82 3.49
N TYR B 255 -21.58 18.51 2.20
CA TYR B 255 -22.14 17.26 1.70
C TYR B 255 -21.02 16.24 1.48
N GLN B 256 -21.19 15.01 1.99
CA GLN B 256 -20.11 14.03 2.04
C GLN B 256 -20.47 12.71 1.37
N ASN B 257 -19.47 12.10 0.71
CA ASN B 257 -19.55 10.74 0.21
C ASN B 257 -18.46 9.88 0.85
N SER B 258 -18.62 8.56 0.76
CA SER B 258 -17.59 7.61 1.16
C SER B 258 -17.78 6.33 0.36
N TRP B 259 -16.68 5.75 -0.13
CA TRP B 259 -16.78 4.58 -0.99
C TRP B 259 -15.57 3.66 -0.78
N GLY B 260 -15.82 2.36 -0.86
CA GLY B 260 -14.86 1.36 -0.41
C GLY B 260 -14.97 0.07 -1.18
N LEU B 261 -13.83 -0.60 -1.35
CA LEU B 261 -13.71 -1.83 -2.11
C LEU B 261 -12.62 -2.69 -1.48
N THR B 262 -12.90 -3.98 -1.26
CA THR B 262 -12.07 -4.81 -0.40
C THR B 262 -11.47 -5.98 -1.16
N THR B 263 -10.53 -6.70 -0.51
CA THR B 263 -9.95 -7.89 -1.13
C THR B 263 -10.95 -9.03 -1.27
N ARG B 264 -12.18 -8.86 -0.78
CA ARG B 264 -13.24 -9.82 -1.05
C ARG B 264 -13.45 -10.05 -2.54
N THR B 265 -13.01 -9.10 -3.39
CA THR B 265 -13.03 -9.31 -4.83
C THR B 265 -12.33 -10.59 -5.24
N ILE B 266 -11.11 -10.81 -4.71
CA ILE B 266 -10.30 -11.93 -5.17
C ILE B 266 -11.00 -13.25 -4.85
N GLY B 267 -11.63 -13.33 -3.69
CA GLY B 267 -12.40 -14.51 -3.37
C GLY B 267 -13.53 -14.76 -4.35
N VAL B 268 -14.30 -13.72 -4.69
CA VAL B 268 -15.43 -13.96 -5.58
C VAL B 268 -14.95 -14.37 -6.95
N MET B 269 -13.83 -13.81 -7.42
CA MET B 269 -13.27 -14.25 -8.69
C MET B 269 -12.81 -15.71 -8.61
N THR B 270 -12.34 -16.14 -7.44
CA THR B 270 -12.09 -17.56 -7.20
C THR B 270 -13.36 -18.37 -7.36
N MET B 271 -14.45 -17.93 -6.73
CA MET B 271 -15.71 -18.66 -6.80
C MET B 271 -16.27 -18.68 -8.21
N VAL B 272 -16.08 -17.60 -8.97
CA VAL B 272 -16.79 -17.46 -10.23
C VAL B 272 -16.09 -18.23 -11.34
N HIS B 273 -14.81 -17.90 -11.59
CA HIS B 273 -14.12 -18.53 -12.70
C HIS B 273 -13.41 -19.82 -12.33
N GLY B 274 -13.17 -20.07 -11.04
CA GLY B 274 -12.52 -21.32 -10.70
C GLY B 274 -13.29 -22.52 -11.18
N ASP B 275 -12.58 -23.44 -11.82
CA ASP B 275 -13.01 -24.73 -12.33
C ASP B 275 -12.67 -25.79 -11.29
N ASN B 276 -12.79 -27.05 -11.67
CA ASN B 276 -12.61 -28.16 -10.75
C ASN B 276 -11.23 -28.76 -10.79
N MET B 277 -10.33 -28.18 -11.58
CA MET B 277 -8.91 -28.51 -11.45
C MET B 277 -8.13 -27.33 -10.88
N GLY B 278 -8.82 -26.31 -10.37
CA GLY B 278 -8.19 -25.20 -9.69
C GLY B 278 -8.64 -23.85 -10.21
N LEU B 279 -7.77 -22.84 -10.12
CA LEU B 279 -8.21 -21.50 -10.47
C LEU B 279 -8.14 -21.25 -11.96
N VAL B 280 -8.81 -20.17 -12.36
CA VAL B 280 -8.70 -19.59 -13.69
C VAL B 280 -8.54 -18.09 -13.48
N LEU B 281 -7.49 -17.50 -14.04
CA LEU B 281 -7.25 -16.09 -13.83
C LEU B 281 -7.53 -15.33 -15.12
N PRO B 282 -8.41 -14.34 -15.08
CA PRO B 282 -8.57 -13.41 -16.20
C PRO B 282 -7.25 -12.77 -16.55
N PRO B 283 -6.87 -12.76 -17.83
CA PRO B 283 -5.53 -12.26 -18.17
C PRO B 283 -5.21 -10.81 -17.83
N ARG B 284 -6.10 -9.80 -17.93
CA ARG B 284 -5.42 -8.54 -17.60
C ARG B 284 -5.15 -8.38 -16.10
N VAL B 285 -5.47 -9.38 -15.28
CA VAL B 285 -5.07 -9.35 -13.88
C VAL B 285 -4.10 -10.48 -13.52
N ALA B 286 -3.94 -11.48 -14.39
CA ALA B 286 -2.99 -12.55 -14.10
C ALA B 286 -1.57 -12.01 -14.17
N CYS B 287 -0.85 -12.09 -13.04
CA CYS B 287 0.51 -11.56 -12.97
C CYS B 287 1.40 -12.15 -14.05
N VAL B 288 1.24 -13.44 -14.32
CA VAL B 288 1.92 -14.06 -15.45
C VAL B 288 0.85 -14.60 -16.40
N GLN B 289 0.93 -14.17 -17.66
CA GLN B 289 -0.05 -14.56 -18.68
C GLN B 289 0.36 -15.78 -19.46
N VAL B 290 1.67 -16.03 -19.58
CA VAL B 290 2.21 -17.14 -20.36
C VAL B 290 3.24 -17.90 -19.51
N VAL B 291 3.07 -19.21 -19.40
CA VAL B 291 4.12 -20.09 -18.90
C VAL B 291 4.70 -20.85 -20.09
N ILE B 292 6.01 -20.73 -20.28
CA ILE B 292 6.74 -21.52 -21.28
C ILE B 292 7.31 -22.73 -20.57
N ILE B 293 7.01 -23.92 -21.07
CA ILE B 293 7.58 -25.11 -20.43
C ILE B 293 8.23 -26.00 -21.49
N PRO B 294 9.46 -26.44 -21.24
CA PRO B 294 10.09 -27.41 -22.14
C PRO B 294 9.60 -28.82 -21.85
N CYS B 295 9.50 -29.61 -22.91
CA CYS B 295 9.03 -30.98 -22.79
C CYS B 295 9.90 -31.90 -23.63
N GLY B 296 10.01 -33.14 -23.16
CA GLY B 296 10.82 -34.16 -23.78
C GLY B 296 12.07 -34.33 -22.92
N ILE B 297 12.11 -35.37 -22.11
CA ILE B 297 13.22 -35.60 -21.18
C ILE B 297 13.42 -37.10 -21.02
N SER B 302 19.46 -36.83 -25.02
CA SER B 302 20.75 -36.22 -25.35
C SER B 302 20.78 -34.79 -24.86
N GLU B 303 21.95 -34.31 -24.47
CA GLU B 303 22.03 -33.01 -23.81
C GLU B 303 22.34 -31.89 -24.78
N GLU B 304 23.25 -32.13 -25.74
CA GLU B 304 23.81 -31.03 -26.53
C GLU B 304 22.72 -30.27 -27.28
N ASP B 305 21.64 -30.95 -27.67
CA ASP B 305 20.54 -30.30 -28.36
C ASP B 305 19.33 -30.04 -27.48
N LYS B 306 19.28 -30.64 -26.29
CA LYS B 306 18.30 -30.21 -25.29
C LYS B 306 18.72 -28.86 -24.71
N GLU B 307 19.99 -28.50 -24.87
CA GLU B 307 20.39 -27.15 -24.57
C GLU B 307 19.84 -26.17 -25.61
N ALA B 308 19.57 -26.63 -26.83
CA ALA B 308 18.85 -25.78 -27.77
C ALA B 308 17.35 -25.79 -27.52
N LEU B 309 16.85 -26.80 -26.80
CA LEU B 309 15.46 -26.79 -26.34
C LEU B 309 15.23 -25.71 -25.29
N ILE B 310 16.19 -25.51 -24.39
CA ILE B 310 16.01 -24.55 -23.31
C ILE B 310 16.40 -23.14 -23.77
N ALA B 311 17.29 -23.02 -24.75
CA ALA B 311 17.64 -21.72 -25.30
C ALA B 311 16.54 -21.19 -26.20
N LYS B 312 15.75 -22.07 -26.81
CA LYS B 312 14.65 -21.66 -27.67
C LYS B 312 13.47 -21.11 -26.88
N CYS B 313 13.24 -21.67 -25.68
CA CYS B 313 12.27 -21.09 -24.78
C CYS B 313 12.63 -19.65 -24.44
N ASN B 314 13.91 -19.40 -24.18
CA ASN B 314 14.34 -18.07 -23.79
C ASN B 314 14.34 -17.07 -24.93
N ASP B 315 14.27 -17.50 -26.19
CA ASP B 315 14.03 -16.49 -27.21
C ASP B 315 12.55 -16.15 -27.28
N TYR B 316 11.68 -17.16 -27.14
CA TYR B 316 10.26 -16.86 -26.97
C TYR B 316 10.08 -15.89 -25.80
N ARG B 317 10.64 -16.24 -24.64
CA ARG B 317 10.56 -15.36 -23.48
C ARG B 317 10.91 -13.92 -23.86
N ARG B 318 12.13 -13.71 -24.37
CA ARG B 318 12.52 -12.38 -24.78
C ARG B 318 11.59 -11.83 -25.86
N ARG B 319 11.14 -12.69 -26.77
CA ARG B 319 10.25 -12.23 -27.85
C ARG B 319 8.90 -11.80 -27.31
N LEU B 320 8.40 -12.44 -26.26
CA LEU B 320 7.10 -12.09 -25.73
C LEU B 320 7.16 -10.96 -24.72
N LEU B 321 8.33 -10.73 -24.10
CA LEU B 321 8.51 -9.54 -23.28
C LEU B 321 8.54 -8.27 -24.10
N SER B 322 8.84 -8.37 -25.41
CA SER B 322 8.81 -7.20 -26.28
C SER B 322 7.40 -6.78 -26.67
N VAL B 323 6.40 -7.64 -26.43
CA VAL B 323 5.01 -7.29 -26.64
C VAL B 323 4.32 -6.94 -25.31
N ASN B 324 5.11 -6.70 -24.27
CA ASN B 324 4.59 -6.34 -22.95
C ASN B 324 3.58 -7.39 -22.47
N ILE B 325 3.85 -8.63 -22.82
CA ILE B 325 3.16 -9.78 -22.27
C ILE B 325 3.97 -10.28 -21.08
N ARG B 326 3.30 -10.58 -19.97
CA ARG B 326 3.98 -11.12 -18.82
C ARG B 326 4.06 -12.63 -18.94
N VAL B 327 5.29 -13.14 -18.88
CA VAL B 327 5.62 -14.50 -19.28
C VAL B 327 6.61 -15.07 -18.28
N ARG B 328 6.49 -16.36 -18.01
CA ARG B 328 7.46 -17.05 -17.18
C ARG B 328 7.93 -18.30 -17.91
N ALA B 329 9.22 -18.38 -18.16
CA ALA B 329 9.84 -19.64 -18.52
C ALA B 329 10.06 -20.44 -17.24
N ASP B 330 9.44 -21.62 -17.16
CA ASP B 330 9.68 -22.53 -16.04
C ASP B 330 10.64 -23.59 -16.54
N LEU B 331 11.93 -23.28 -16.48
CA LEU B 331 12.99 -24.16 -16.95
C LEU B 331 13.64 -24.94 -15.81
N ARG B 332 12.98 -24.98 -14.65
CA ARG B 332 13.45 -25.77 -13.52
C ARG B 332 13.62 -27.23 -13.93
N ASP B 333 14.75 -27.84 -13.52
CA ASP B 333 14.94 -29.27 -13.74
C ASP B 333 14.43 -30.13 -12.61
N ASN B 334 14.39 -29.63 -11.39
CA ASN B 334 13.98 -30.50 -10.29
C ASN B 334 12.55 -30.97 -10.41
N TYR B 335 11.79 -30.49 -11.41
CA TYR B 335 10.41 -30.92 -11.60
C TYR B 335 10.14 -31.45 -13.00
N SER B 336 9.37 -32.53 -13.06
CA SER B 336 8.84 -33.08 -14.29
C SER B 336 7.85 -32.11 -14.95
N PRO B 337 7.80 -32.08 -16.29
CA PRO B 337 6.82 -31.20 -16.96
C PRO B 337 5.40 -31.43 -16.50
N GLY B 338 5.02 -32.70 -16.27
CA GLY B 338 3.70 -32.98 -15.74
C GLY B 338 3.43 -32.27 -14.43
N TRP B 339 4.45 -32.20 -13.57
CA TRP B 339 4.27 -31.51 -12.30
C TRP B 339 4.11 -30.00 -12.52
N LYS B 340 4.81 -29.45 -13.51
CA LYS B 340 4.58 -28.06 -13.86
C LYS B 340 3.23 -27.87 -14.53
N PHE B 341 2.84 -28.81 -15.40
CA PHE B 341 1.51 -28.79 -16.00
C PHE B 341 0.44 -28.63 -14.94
N ASN B 342 0.50 -29.51 -13.93
CA ASN B 342 -0.38 -29.36 -12.81
C ASN B 342 -0.15 -27.99 -12.18
N HIS B 343 1.09 -27.73 -11.76
CA HIS B 343 1.37 -26.62 -10.85
C HIS B 343 0.75 -25.31 -11.34
N TRP B 344 0.99 -24.97 -12.59
CA TRP B 344 0.50 -23.71 -13.12
C TRP B 344 -0.98 -23.75 -13.47
N GLU B 345 -1.56 -24.94 -13.65
CA GLU B 345 -2.99 -24.98 -13.89
C GLU B 345 -3.77 -24.67 -12.62
N LEU B 346 -3.30 -25.16 -11.45
CA LEU B 346 -3.94 -24.78 -10.20
C LEU B 346 -3.72 -23.31 -9.87
N LYS B 347 -2.70 -22.67 -10.45
CA LYS B 347 -2.50 -21.24 -10.28
C LYS B 347 -3.20 -20.44 -11.37
N GLY B 348 -3.90 -21.10 -12.28
CA GLY B 348 -4.80 -20.43 -13.21
C GLY B 348 -4.14 -19.58 -14.26
N VAL B 349 -2.91 -19.92 -14.65
CA VAL B 349 -2.25 -19.14 -15.72
C VAL B 349 -3.08 -19.25 -17.00
N PRO B 350 -3.38 -18.14 -17.67
CA PRO B 350 -4.26 -18.25 -18.86
C PRO B 350 -3.71 -19.14 -19.96
N ILE B 351 -2.47 -18.94 -20.41
CA ILE B 351 -1.91 -19.69 -21.53
C ILE B 351 -0.72 -20.51 -21.07
N ARG B 352 -0.82 -21.84 -21.24
CA ARG B 352 0.33 -22.74 -21.09
C ARG B 352 0.98 -22.96 -22.45
N LEU B 353 2.29 -22.74 -22.54
CA LEU B 353 3.05 -22.91 -23.78
C LEU B 353 4.01 -24.07 -23.60
N GLU B 354 3.71 -25.20 -24.24
CA GLU B 354 4.53 -26.40 -24.18
C GLU B 354 5.40 -26.44 -25.43
N VAL B 355 6.69 -26.71 -25.27
CA VAL B 355 7.53 -27.00 -26.43
C VAL B 355 8.13 -28.40 -26.26
N GLY B 356 7.83 -29.26 -27.23
CA GLY B 356 8.32 -30.63 -27.27
C GLY B 356 9.40 -30.74 -28.32
N PRO B 357 10.24 -31.78 -28.21
CA PRO B 357 11.49 -31.78 -28.98
C PRO B 357 11.36 -31.73 -30.51
N ARG B 358 10.38 -32.36 -31.16
CA ARG B 358 10.45 -32.17 -32.60
C ARG B 358 9.64 -30.96 -33.06
N ASP B 359 8.97 -30.28 -32.13
CA ASP B 359 8.28 -29.07 -32.53
C ASP B 359 9.25 -27.92 -32.72
N MET B 360 10.46 -28.03 -32.13
CA MET B 360 11.50 -27.06 -32.42
C MET B 360 12.00 -27.22 -33.85
N LYS B 361 12.20 -28.45 -34.31
CA LYS B 361 12.60 -28.65 -35.70
C LYS B 361 11.43 -28.58 -36.67
N SER B 362 10.20 -28.56 -36.17
CA SER B 362 9.04 -28.23 -36.99
C SER B 362 8.79 -26.73 -37.06
N CYS B 363 9.47 -25.95 -36.22
CA CYS B 363 9.20 -24.53 -36.06
C CYS B 363 7.76 -24.34 -35.58
N GLN B 364 7.38 -25.18 -34.61
CA GLN B 364 6.10 -25.14 -33.89
C GLN B 364 6.28 -24.98 -32.39
N PHE B 365 5.12 -24.89 -31.75
CA PHE B 365 4.88 -25.17 -30.35
C PHE B 365 3.38 -25.27 -30.17
N VAL B 366 2.97 -25.87 -29.05
CA VAL B 366 1.56 -26.05 -28.72
C VAL B 366 1.19 -25.04 -27.64
N ALA B 367 0.00 -24.49 -27.75
CA ALA B 367 -0.54 -23.56 -26.77
C ALA B 367 -1.82 -24.16 -26.20
N VAL B 368 -1.96 -24.09 -24.88
CA VAL B 368 -3.14 -24.61 -24.19
C VAL B 368 -3.79 -23.46 -23.43
N ARG B 369 -5.11 -23.37 -23.53
CA ARG B 369 -5.88 -22.35 -22.82
C ARG B 369 -6.36 -22.90 -21.49
N ARG B 370 -6.52 -22.01 -20.51
CA ARG B 370 -6.88 -22.46 -19.17
C ARG B 370 -8.39 -22.67 -18.98
N ASP B 371 -9.24 -21.95 -19.71
CA ASP B 371 -10.68 -22.13 -19.55
C ASP B 371 -11.16 -23.47 -20.12
N THR B 372 -10.76 -23.77 -21.35
CA THR B 372 -11.37 -24.85 -22.13
C THR B 372 -10.53 -26.12 -22.20
N GLY B 373 -9.21 -26.02 -22.13
CA GLY B 373 -8.38 -27.14 -22.51
C GLY B 373 -8.03 -27.14 -23.98
N GLU B 374 -8.21 -26.02 -24.66
CA GLU B 374 -7.97 -25.94 -26.09
C GLU B 374 -6.48 -26.01 -26.37
N LYS B 375 -6.13 -26.62 -27.50
CA LYS B 375 -4.77 -26.64 -27.99
C LYS B 375 -4.75 -26.09 -29.41
N LEU B 376 -3.81 -25.18 -29.67
CA LEU B 376 -3.48 -24.77 -31.02
C LEU B 376 -2.00 -25.04 -31.23
N THR B 377 -1.60 -24.97 -32.49
CA THR B 377 -0.19 -25.04 -32.86
C THR B 377 0.07 -23.92 -33.85
N VAL B 378 1.15 -23.17 -33.62
CA VAL B 378 1.45 -21.98 -34.41
C VAL B 378 2.93 -21.95 -34.72
N ALA B 379 3.27 -21.39 -35.88
CA ALA B 379 4.65 -21.25 -36.30
C ALA B 379 5.47 -20.42 -35.31
N GLU B 380 6.77 -20.74 -35.25
CA GLU B 380 7.70 -19.99 -34.41
C GLU B 380 7.68 -18.49 -34.68
N ASN B 381 7.65 -18.11 -35.96
CA ASN B 381 7.96 -16.70 -36.26
C ASN B 381 6.79 -15.80 -35.87
N GLU B 382 5.61 -16.35 -35.61
CA GLU B 382 4.49 -15.53 -35.18
C GLU B 382 4.63 -15.24 -33.69
N ALA B 383 5.11 -14.05 -33.30
CA ALA B 383 5.02 -13.81 -31.85
C ALA B 383 3.90 -12.91 -31.31
N GLU B 384 3.85 -11.65 -31.76
CA GLU B 384 2.73 -10.75 -31.48
C GLU B 384 1.38 -11.40 -31.71
N THR B 385 1.24 -11.96 -32.91
CA THR B 385 -0.06 -12.16 -33.51
C THR B 385 -0.97 -13.08 -32.70
N LYS B 386 -0.56 -14.34 -32.54
CA LYS B 386 -1.53 -15.32 -32.09
C LYS B 386 -1.69 -15.34 -30.59
N LEU B 387 -0.61 -15.17 -29.83
CA LEU B 387 -0.72 -15.35 -28.38
C LEU B 387 -1.57 -14.25 -27.75
N GLN B 388 -1.45 -13.01 -28.22
CA GLN B 388 -2.33 -11.97 -27.71
C GLN B 388 -3.76 -12.20 -28.17
N ALA B 389 -3.95 -12.68 -29.39
CA ALA B 389 -5.30 -12.95 -29.87
C ALA B 389 -6.01 -13.93 -28.93
N ILE B 390 -5.30 -14.94 -28.47
CA ILE B 390 -5.88 -15.93 -27.55
C ILE B 390 -5.99 -15.36 -26.14
N LEU B 391 -5.02 -14.54 -25.72
CA LEU B 391 -5.10 -13.91 -24.39
C LEU B 391 -6.32 -13.02 -24.25
N GLU B 392 -6.79 -12.44 -25.34
CA GLU B 392 -7.94 -11.55 -25.27
C GLU B 392 -9.26 -12.30 -25.43
N ASP B 393 -9.26 -13.35 -26.26
CA ASP B 393 -10.43 -14.21 -26.42
C ASP B 393 -10.67 -15.08 -25.19
N ILE B 394 -9.61 -15.43 -24.45
CA ILE B 394 -9.82 -16.13 -23.19
C ILE B 394 -10.64 -15.25 -22.25
N GLN B 395 -10.32 -13.95 -22.21
CA GLN B 395 -11.04 -13.03 -21.35
C GLN B 395 -12.50 -12.89 -21.79
N VAL B 396 -12.76 -12.82 -23.10
CA VAL B 396 -14.14 -12.75 -23.55
C VAL B 396 -14.90 -14.00 -23.14
N THR B 397 -14.25 -15.17 -23.13
CA THR B 397 -14.93 -16.38 -22.68
C THR B 397 -15.34 -16.27 -21.21
N LEU B 398 -14.40 -15.90 -20.35
CA LEU B 398 -14.69 -15.88 -18.92
C LEU B 398 -15.82 -14.90 -18.61
N PHE B 399 -15.92 -13.82 -19.37
CA PHE B 399 -16.98 -12.84 -19.14
C PHE B 399 -18.35 -13.37 -19.55
N THR B 400 -18.51 -13.71 -20.84
CA THR B 400 -19.79 -14.26 -21.32
C THR B 400 -20.22 -15.48 -20.51
N ARG B 401 -19.33 -16.45 -20.35
CA ARG B 401 -19.71 -17.70 -19.68
C ARG B 401 -20.26 -17.43 -18.29
N ALA B 402 -19.72 -16.41 -17.61
CA ALA B 402 -20.30 -15.94 -16.36
C ALA B 402 -21.47 -14.98 -16.59
N SER B 403 -21.49 -14.27 -17.72
CA SER B 403 -22.61 -13.38 -18.03
C SER B 403 -23.90 -14.17 -18.21
N GLU B 404 -23.91 -15.07 -19.19
CA GLU B 404 -25.08 -15.92 -19.35
C GLU B 404 -25.29 -16.84 -18.17
N ASP B 405 -24.24 -17.13 -17.39
CA ASP B 405 -24.51 -17.82 -16.13
C ASP B 405 -25.10 -16.89 -15.07
N LEU B 406 -25.12 -15.58 -15.29
CA LEU B 406 -26.03 -14.74 -14.51
C LEU B 406 -27.43 -14.68 -15.14
N LYS B 407 -27.51 -14.57 -16.48
CA LYS B 407 -28.80 -14.60 -17.18
C LYS B 407 -29.50 -15.95 -16.99
N THR B 408 -28.73 -16.98 -16.61
CA THR B 408 -29.26 -18.27 -16.18
C THR B 408 -30.20 -18.10 -15.01
N HIS B 409 -29.68 -17.51 -13.93
CA HIS B 409 -30.13 -17.67 -12.56
C HIS B 409 -30.80 -16.42 -12.05
N MET B 410 -30.93 -15.38 -12.87
CA MET B 410 -31.66 -14.18 -12.47
C MET B 410 -32.87 -14.06 -13.38
N VAL B 411 -34.03 -14.28 -12.78
CA VAL B 411 -35.28 -14.47 -13.48
C VAL B 411 -36.32 -13.61 -12.79
N VAL B 412 -37.47 -13.50 -13.41
CA VAL B 412 -38.56 -12.67 -12.92
C VAL B 412 -39.52 -13.55 -12.13
N ALA B 413 -39.86 -13.11 -10.93
CA ALA B 413 -41.04 -13.56 -10.24
C ALA B 413 -41.89 -12.34 -9.97
N ASN B 414 -43.20 -12.45 -10.23
CA ASN B 414 -44.13 -11.37 -10.04
C ASN B 414 -45.08 -11.69 -8.90
N THR B 415 -45.16 -12.96 -8.57
CA THR B 415 -45.88 -13.54 -7.46
C THR B 415 -44.87 -14.41 -6.69
N MET B 416 -45.33 -14.91 -5.55
CA MET B 416 -44.60 -15.78 -4.62
C MET B 416 -44.70 -17.16 -5.18
N GLU B 417 -45.81 -17.40 -5.90
CA GLU B 417 -46.42 -18.61 -6.42
C GLU B 417 -45.31 -19.51 -6.84
N ASP B 418 -44.36 -18.99 -7.59
CA ASP B 418 -43.16 -19.74 -7.87
C ASP B 418 -41.90 -19.16 -7.24
N PHE B 419 -41.96 -18.00 -6.59
CA PHE B 419 -40.75 -17.32 -6.09
C PHE B 419 -39.95 -18.19 -5.13
N GLN B 420 -40.62 -18.89 -4.21
CA GLN B 420 -39.90 -19.77 -3.31
C GLN B 420 -39.43 -21.02 -4.04
N LYS B 421 -40.26 -21.51 -4.96
CA LYS B 421 -39.78 -22.46 -5.96
C LYS B 421 -38.68 -21.82 -6.79
N ILE B 422 -38.91 -20.57 -7.20
CA ILE B 422 -37.95 -19.77 -7.97
C ILE B 422 -36.78 -19.32 -7.12
N LEU B 423 -36.81 -19.49 -5.79
CA LEU B 423 -35.59 -19.15 -5.07
C LEU B 423 -34.63 -20.33 -4.85
N ASP B 424 -35.13 -21.53 -4.56
CA ASP B 424 -34.29 -22.52 -3.88
C ASP B 424 -33.72 -23.61 -4.78
N SER B 425 -33.79 -23.47 -6.10
CA SER B 425 -32.98 -24.30 -6.97
C SER B 425 -31.61 -23.71 -7.27
N GLY B 426 -31.18 -22.69 -6.50
CA GLY B 426 -29.93 -21.98 -6.76
C GLY B 426 -30.12 -20.80 -7.69
N LYS B 427 -31.12 -20.01 -7.37
CA LYS B 427 -31.79 -19.02 -8.20
C LYS B 427 -31.65 -17.65 -7.55
N ILE B 428 -31.46 -16.58 -8.32
CA ILE B 428 -31.74 -15.26 -7.77
C ILE B 428 -32.86 -14.61 -8.57
N VAL B 429 -33.67 -13.82 -7.88
CA VAL B 429 -34.97 -13.43 -8.39
C VAL B 429 -35.33 -12.03 -7.89
N GLN B 430 -35.91 -11.24 -8.78
CA GLN B 430 -36.48 -9.95 -8.39
C GLN B 430 -37.96 -10.11 -8.11
N ILE B 431 -38.40 -9.42 -7.07
CA ILE B 431 -39.79 -9.49 -6.61
C ILE B 431 -40.35 -8.08 -6.51
N PRO B 432 -41.64 -7.88 -6.77
CA PRO B 432 -42.30 -6.66 -6.30
C PRO B 432 -42.22 -6.60 -4.79
N PHE B 433 -41.75 -5.48 -4.26
CA PHE B 433 -41.48 -5.43 -2.83
C PHE B 433 -41.97 -4.12 -2.22
N CYS B 434 -42.60 -4.24 -1.04
CA CYS B 434 -43.12 -3.09 -0.29
C CYS B 434 -42.12 -1.93 -0.21
N GLY B 435 -40.91 -2.23 0.23
CA GLY B 435 -39.94 -1.25 0.64
C GLY B 435 -39.77 -1.10 2.14
N GLU B 436 -40.69 -1.63 2.93
CA GLU B 436 -40.62 -1.51 4.37
C GLU B 436 -39.92 -2.72 4.98
N ILE B 437 -39.45 -2.54 6.21
CA ILE B 437 -38.42 -3.42 6.76
C ILE B 437 -38.98 -4.79 7.11
N ASP B 438 -40.17 -4.85 7.73
CA ASP B 438 -40.63 -6.11 8.28
C ASP B 438 -41.24 -7.05 7.25
N CYS B 439 -41.75 -6.52 6.12
CA CYS B 439 -42.07 -7.43 5.01
C CYS B 439 -40.86 -8.23 4.59
N GLU B 440 -39.65 -7.74 4.89
CA GLU B 440 -38.39 -8.31 4.43
C GLU B 440 -37.78 -9.28 5.43
N ASP B 441 -37.80 -8.96 6.72
CA ASP B 441 -37.57 -9.98 7.73
C ASP B 441 -38.56 -11.14 7.57
N TRP B 442 -39.77 -10.83 7.08
CA TRP B 442 -40.76 -11.87 6.81
C TRP B 442 -40.38 -12.67 5.58
N ILE B 443 -40.07 -11.98 4.46
CA ILE B 443 -39.70 -12.71 3.25
C ILE B 443 -38.56 -13.66 3.54
N LYS B 444 -37.63 -13.24 4.39
CA LYS B 444 -36.46 -14.08 4.65
C LYS B 444 -36.80 -15.21 5.60
N LYS B 445 -37.78 -15.02 6.48
CA LYS B 445 -38.18 -16.12 7.36
C LYS B 445 -39.11 -17.09 6.65
N THR B 446 -39.88 -16.61 5.68
CA THR B 446 -40.76 -17.44 4.89
C THR B 446 -40.01 -18.19 3.78
N THR B 447 -38.67 -18.15 3.81
CA THR B 447 -37.86 -18.80 2.81
C THR B 447 -37.10 -20.00 3.36
N ALA B 448 -36.91 -20.06 4.67
CA ALA B 448 -36.10 -21.08 5.30
C ALA B 448 -36.89 -22.36 5.52
N MET B 460 -29.61 -18.52 7.23
CA MET B 460 -30.29 -19.27 6.19
C MET B 460 -31.61 -18.59 5.80
N GLY B 461 -31.52 -17.44 5.13
CA GLY B 461 -32.70 -16.81 4.56
C GLY B 461 -32.41 -16.19 3.21
N ALA B 462 -33.49 -15.82 2.53
CA ALA B 462 -33.40 -14.98 1.34
C ALA B 462 -33.31 -13.54 1.77
N LYS B 463 -32.26 -12.84 1.37
CA LYS B 463 -32.09 -11.47 1.84
C LYS B 463 -32.33 -10.48 0.71
N SER B 464 -32.57 -9.24 1.10
CA SER B 464 -32.54 -8.12 0.17
C SER B 464 -31.10 -7.85 -0.25
N LEU B 465 -30.77 -8.13 -1.50
CA LEU B 465 -29.42 -7.84 -1.99
C LEU B 465 -29.28 -6.37 -2.32
N CYS B 466 -30.19 -5.86 -3.13
CA CYS B 466 -30.27 -4.44 -3.41
C CYS B 466 -31.59 -4.20 -4.12
N ILE B 467 -31.84 -2.93 -4.42
CA ILE B 467 -32.93 -2.52 -5.30
C ILE B 467 -32.28 -2.14 -6.62
N PRO B 468 -32.38 -2.98 -7.66
CA PRO B 468 -31.58 -2.73 -8.86
C PRO B 468 -32.05 -1.47 -9.55
N PHE B 469 -31.09 -0.61 -9.86
CA PHE B 469 -31.25 0.24 -11.03
C PHE B 469 -31.63 -0.72 -12.15
N LYS B 470 -32.57 -0.31 -13.02
CA LYS B 470 -32.70 -1.07 -14.27
C LYS B 470 -33.10 -2.54 -14.11
N PRO B 471 -34.31 -2.86 -13.54
CA PRO B 471 -34.69 -4.28 -13.31
C PRO B 471 -35.06 -5.10 -14.56
N LEU B 472 -35.40 -6.39 -14.36
CA LEU B 472 -35.62 -7.32 -15.49
C LEU B 472 -36.94 -7.12 -16.22
N CYS B 473 -37.98 -6.61 -15.55
CA CYS B 473 -39.25 -6.29 -16.19
C CYS B 473 -39.71 -4.94 -15.65
N GLU B 474 -40.48 -4.20 -16.42
CA GLU B 474 -41.09 -3.01 -15.85
C GLU B 474 -42.28 -3.41 -14.99
N LEU B 475 -42.43 -2.69 -13.88
CA LEU B 475 -43.51 -2.70 -12.93
C LEU B 475 -44.64 -1.84 -13.47
N GLN B 476 -45.83 -2.00 -12.90
CA GLN B 476 -46.97 -1.18 -13.26
C GLN B 476 -47.78 -0.78 -12.03
N PRO B 477 -48.61 0.26 -12.16
CA PRO B 477 -49.32 0.78 -10.97
C PRO B 477 -50.21 -0.25 -10.30
N GLY B 478 -50.33 -0.10 -8.98
CA GLY B 478 -51.19 -0.93 -8.17
C GLY B 478 -50.67 -2.32 -7.92
N ALA B 479 -49.47 -2.63 -8.42
CA ALA B 479 -48.85 -3.91 -8.12
C ALA B 479 -48.67 -4.05 -6.61
N LYS B 480 -48.89 -5.26 -6.12
CA LYS B 480 -48.73 -5.48 -4.70
C LYS B 480 -47.46 -6.28 -4.45
N CYS B 481 -46.88 -6.04 -3.27
CA CYS B 481 -45.67 -6.72 -2.83
C CYS B 481 -45.96 -8.19 -2.60
N VAL B 482 -44.89 -8.96 -2.42
CA VAL B 482 -45.06 -10.32 -1.92
C VAL B 482 -45.82 -10.31 -0.61
N CYS B 483 -45.64 -9.27 0.20
CA CYS B 483 -46.47 -9.07 1.38
C CYS B 483 -47.94 -9.06 1.03
N GLY B 484 -48.27 -8.38 -0.06
CA GLY B 484 -49.61 -8.27 -0.56
C GLY B 484 -50.41 -7.13 0.05
N LYS B 485 -50.19 -6.80 1.32
CA LYS B 485 -50.94 -5.67 1.87
C LYS B 485 -50.66 -4.31 1.25
N ASN B 486 -49.41 -3.82 1.42
CA ASN B 486 -48.95 -2.56 0.86
C ASN B 486 -48.50 -2.74 -0.59
N PRO B 487 -48.59 -1.71 -1.42
CA PRO B 487 -48.18 -1.88 -2.81
C PRO B 487 -46.67 -1.72 -2.99
N ALA B 488 -46.22 -2.02 -4.20
CA ALA B 488 -44.80 -2.16 -4.51
C ALA B 488 -44.24 -0.84 -5.03
N LYS B 489 -43.15 -0.38 -4.42
CA LYS B 489 -42.48 0.82 -4.92
C LYS B 489 -41.35 0.50 -5.90
N TYR B 490 -40.87 -0.75 -5.96
CA TYR B 490 -39.78 -1.09 -6.85
C TYR B 490 -39.55 -2.59 -6.86
N TYR B 491 -38.91 -3.06 -7.93
CA TYR B 491 -38.45 -4.43 -8.02
C TYR B 491 -37.12 -4.56 -7.27
N THR B 492 -37.05 -5.52 -6.36
CA THR B 492 -35.88 -5.70 -5.50
C THR B 492 -35.19 -7.02 -5.84
N LEU B 493 -33.86 -7.02 -5.78
CA LEU B 493 -33.10 -8.24 -6.03
C LEU B 493 -33.01 -9.04 -4.74
N PHE B 494 -33.48 -10.28 -4.79
CA PHE B 494 -33.53 -11.14 -3.63
C PHE B 494 -32.77 -12.43 -3.87
N GLY B 495 -32.33 -13.04 -2.79
CA GLY B 495 -31.62 -14.30 -2.91
C GLY B 495 -30.86 -14.62 -1.65
N ARG B 496 -30.37 -15.85 -1.62
CA ARG B 496 -29.38 -16.27 -0.65
C ARG B 496 -28.11 -15.49 -0.89
N SER B 497 -27.41 -15.16 0.20
CA SER B 497 -26.19 -14.38 0.04
C SER B 497 -25.33 -14.53 1.28
N TYR B 498 -24.03 -14.45 1.07
CA TYR B 498 -23.09 -14.30 2.16
C TYR B 498 -23.35 -12.94 2.82
#